data_9G9R
#
_entry.id   9G9R
#
_cell.length_a   51.751
_cell.length_b   54.437
_cell.length_c   64.018
_cell.angle_alpha   99.541
_cell.angle_beta   95.379
_cell.angle_gamma   102.644
#
_symmetry.space_group_name_H-M   'P 1'
#
loop_
_entity.id
_entity.type
_entity.pdbx_description
1 polymer 'Cytochrome P450 CYP199'
2 non-polymer 'PROTOPORPHYRIN IX CONTAINING FE'
3 non-polymer '4-ethylbenzoic acid'
4 non-polymer GLYCEROL
5 water water
#
_entity_poly.entity_id   1
_entity_poly.type   'polypeptide(L)'
_entity_poly.pdbx_seq_one_letter_code
;MGSSHHHHHSSGENLYFQGHMFAPAPALPVSDADPFALDVLQDPLPFQANLRDAGPVVYLRRYDVFALGRYEQVHAALTD
WQSFQSAAGVGLSNFRYETPWRPPSILLEADPPHHDAPRAVLSKILGPRALQKLRAAWIQDAEALVDQLLANTTEFDAVT
DLAAAFPLRVFPDAVGIPDAGRENLLPYGDHAFNAFGPANGLVEKGAPRVAELSGWVNAQCARDALTGDGFGAQIWAAAD
RGDITYEQAPLVVRSLLTAGVDTTVNGLAAVLYAFATHPDQWARLRENRTLARTAFDEAVRWESPVQTFFRTATRDTEIG
GATIPDGKKILMFLGAANRDPRRWENPEVFDLGRNPSGHVGYGMGIHQCVGQHVARLESEALLTALASRVHSLEIAGPVH
RHLNNTLRSWESVPVKVRLP
;
_entity_poly.pdbx_strand_id   A,B
#
loop_
_chem_comp.id
_chem_comp.type
_chem_comp.name
_chem_comp.formula
EGM non-polymer '4-ethylbenzoic acid' 'C9 H10 O2'
GOL non-polymer GLYCEROL 'C3 H8 O3'
HEM non-polymer 'PROTOPORPHYRIN IX CONTAINING FE' 'C34 H32 Fe N4 O4'
#
# COMPACT_ATOMS: atom_id res chain seq x y z
N ALA A 27 23.66 -32.03 -14.39
CA ALA A 27 22.66 -33.03 -14.83
C ALA A 27 21.27 -32.40 -14.87
N LEU A 28 20.92 -31.64 -13.82
CA LEU A 28 19.57 -31.12 -13.64
C LEU A 28 19.20 -30.22 -14.79
N PRO A 29 17.91 -30.16 -15.16
CA PRO A 29 17.42 -29.04 -15.91
C PRO A 29 17.75 -27.77 -15.13
N VAL A 30 18.10 -26.71 -15.85
CA VAL A 30 18.50 -25.49 -15.19
C VAL A 30 17.77 -24.38 -15.92
N SER A 31 17.39 -23.31 -15.21
CA SER A 31 16.54 -22.33 -15.84
C SER A 31 16.86 -20.94 -15.32
N ASP A 32 16.67 -19.92 -16.17
CA ASP A 32 16.79 -18.53 -15.80
C ASP A 32 15.43 -17.92 -15.51
N ALA A 33 14.38 -18.73 -15.55
CA ALA A 33 13.05 -18.27 -15.23
C ALA A 33 13.05 -17.66 -13.84
N ASP A 34 12.31 -16.55 -13.72
CA ASP A 34 12.15 -15.85 -12.47
C ASP A 34 10.69 -15.98 -12.05
N PRO A 35 10.36 -16.90 -11.14
CA PRO A 35 8.97 -17.01 -10.71
C PRO A 35 8.39 -15.76 -10.04
N PHE A 36 9.22 -14.77 -9.73
CA PHE A 36 8.73 -13.56 -9.07
C PHE A 36 8.72 -12.35 -9.97
N ALA A 37 9.05 -12.53 -11.24
CA ALA A 37 8.93 -11.45 -12.21
C ALA A 37 7.47 -11.08 -12.32
N LEU A 38 7.22 -9.81 -12.60
CA LEU A 38 5.84 -9.31 -12.57
C LEU A 38 4.99 -10.03 -13.63
N ASP A 39 5.61 -10.41 -14.75
N ASP A 39 5.63 -10.42 -14.74
CA ASP A 39 4.87 -10.98 -15.85
CA ASP A 39 4.92 -10.99 -15.86
C ASP A 39 4.42 -12.40 -15.48
C ASP A 39 4.44 -12.40 -15.50
N VAL A 40 5.27 -13.13 -14.75
CA VAL A 40 4.92 -14.45 -14.25
C VAL A 40 3.84 -14.34 -13.18
N LEU A 41 3.94 -13.36 -12.28
CA LEU A 41 2.96 -13.18 -11.21
C LEU A 41 1.58 -12.86 -11.78
N GLN A 42 1.59 -12.13 -12.89
CA GLN A 42 0.36 -11.72 -13.55
C GLN A 42 -0.29 -12.97 -14.13
N ASP A 43 0.53 -13.80 -14.77
CA ASP A 43 0.04 -15.06 -15.30
C ASP A 43 1.06 -16.17 -15.11
N PRO A 44 0.95 -16.98 -14.02
CA PRO A 44 1.96 -17.98 -13.69
C PRO A 44 1.75 -19.35 -14.35
N LEU A 45 0.66 -19.52 -15.11
CA LEU A 45 0.31 -20.81 -15.70
C LEU A 45 1.37 -21.27 -16.72
N PRO A 46 1.81 -20.43 -17.69
CA PRO A 46 2.95 -20.78 -18.53
C PRO A 46 4.15 -21.36 -17.78
N PHE A 47 4.67 -20.58 -16.83
CA PHE A 47 5.81 -20.95 -16.02
C PHE A 47 5.58 -22.32 -15.41
N GLN A 48 4.39 -22.55 -14.83
CA GLN A 48 4.13 -23.77 -14.09
C GLN A 48 4.27 -24.98 -15.03
N ALA A 49 3.68 -24.82 -16.22
CA ALA A 49 3.76 -25.85 -17.25
C ALA A 49 5.22 -26.10 -17.63
N ASN A 50 5.99 -25.01 -17.80
CA ASN A 50 7.39 -25.13 -18.17
C ASN A 50 8.16 -25.83 -17.07
N LEU A 51 7.84 -25.49 -15.81
CA LEU A 51 8.52 -26.09 -14.68
C LEU A 51 8.26 -27.59 -14.64
N ARG A 52 6.97 -27.94 -14.73
CA ARG A 52 6.53 -29.33 -14.67
C ARG A 52 7.13 -30.11 -15.84
N ASP A 53 7.10 -29.50 -17.03
CA ASP A 53 7.61 -30.14 -18.23
C ASP A 53 9.11 -30.35 -18.19
N ALA A 54 9.88 -29.45 -17.56
CA ALA A 54 11.34 -29.52 -17.68
C ALA A 54 11.87 -30.80 -17.02
N GLY A 55 11.28 -31.13 -15.87
CA GLY A 55 11.69 -32.30 -15.11
C GLY A 55 11.15 -32.21 -13.69
N PRO A 56 11.34 -33.24 -12.85
CA PRO A 56 10.92 -33.17 -11.46
C PRO A 56 11.56 -32.04 -10.66
N VAL A 57 12.80 -31.66 -11.01
CA VAL A 57 13.60 -30.82 -10.17
C VAL A 57 14.32 -29.89 -11.13
N VAL A 58 14.03 -28.57 -11.02
CA VAL A 58 14.70 -27.59 -11.87
C VAL A 58 15.50 -26.64 -10.98
N TYR A 59 16.78 -26.48 -11.30
CA TYR A 59 17.57 -25.48 -10.62
C TYR A 59 17.28 -24.09 -11.20
N LEU A 60 16.79 -23.19 -10.34
CA LEU A 60 16.60 -21.79 -10.71
C LEU A 60 17.89 -21.02 -10.42
N ARG A 61 18.68 -20.77 -11.49
CA ARG A 61 19.99 -20.17 -11.33
C ARG A 61 19.85 -18.81 -10.68
N ARG A 62 18.75 -18.10 -10.93
CA ARG A 62 18.63 -16.71 -10.51
C ARG A 62 18.73 -16.61 -8.98
N TYR A 63 18.24 -17.64 -8.29
CA TYR A 63 18.02 -17.58 -6.87
C TYR A 63 18.82 -18.69 -6.17
N ASP A 64 19.52 -19.55 -6.90
CA ASP A 64 20.23 -20.68 -6.30
C ASP A 64 19.30 -21.53 -5.41
N VAL A 65 18.13 -21.87 -5.94
CA VAL A 65 17.23 -22.81 -5.31
C VAL A 65 16.78 -23.84 -6.34
N PHE A 66 16.20 -24.92 -5.79
CA PHE A 66 15.70 -26.04 -6.55
C PHE A 66 14.18 -26.00 -6.56
N ALA A 67 13.63 -25.84 -7.76
CA ALA A 67 12.20 -25.71 -7.91
C ALA A 67 11.60 -27.08 -8.09
N LEU A 68 10.40 -27.26 -7.50
CA LEU A 68 9.64 -28.47 -7.65
C LEU A 68 8.23 -28.05 -8.07
N GLY A 69 7.74 -28.56 -9.20
CA GLY A 69 6.42 -28.17 -9.68
C GLY A 69 5.46 -29.34 -9.85
N ARG A 70 5.93 -30.59 -9.76
CA ARG A 70 5.03 -31.74 -9.93
C ARG A 70 4.51 -32.14 -8.55
N TYR A 71 3.28 -32.67 -8.55
CA TYR A 71 2.61 -33.03 -7.33
C TYR A 71 3.48 -34.00 -6.50
N GLU A 72 4.04 -35.01 -7.16
CA GLU A 72 4.69 -36.09 -6.44
C GLU A 72 5.82 -35.52 -5.57
N GLN A 73 6.63 -34.61 -6.15
CA GLN A 73 7.78 -34.11 -5.40
C GLN A 73 7.37 -33.03 -4.39
N VAL A 74 6.41 -32.18 -4.77
CA VAL A 74 5.91 -31.17 -3.84
C VAL A 74 5.35 -31.85 -2.59
N HIS A 75 4.61 -32.94 -2.79
CA HIS A 75 4.00 -33.69 -1.70
C HIS A 75 5.09 -34.27 -0.82
N ALA A 76 6.11 -34.84 -1.46
CA ALA A 76 7.16 -35.52 -0.73
C ALA A 76 7.98 -34.49 0.04
N ALA A 77 8.22 -33.32 -0.57
CA ALA A 77 9.00 -32.24 0.06
C ALA A 77 8.24 -31.66 1.26
N LEU A 78 6.92 -31.46 1.09
CA LEU A 78 6.10 -30.93 2.15
C LEU A 78 6.13 -31.81 3.41
N THR A 79 6.04 -33.14 3.23
CA THR A 79 5.84 -34.05 4.34
C THR A 79 7.19 -34.32 5.00
N ASP A 80 8.28 -34.18 4.26
CA ASP A 80 9.57 -34.60 4.78
C ASP A 80 10.23 -33.45 5.53
N TRP A 81 9.71 -33.15 6.73
CA TRP A 81 10.15 -31.99 7.48
C TRP A 81 11.55 -32.20 8.05
N GLN A 82 11.92 -33.48 8.23
CA GLN A 82 13.25 -33.83 8.69
C GLN A 82 14.31 -33.45 7.65
N SER A 83 14.02 -33.72 6.37
CA SER A 83 14.97 -33.39 5.30
C SER A 83 14.86 -31.91 4.91
N PHE A 84 13.63 -31.39 4.97
CA PHE A 84 13.33 -30.05 4.50
C PHE A 84 12.67 -29.20 5.58
N GLN A 85 13.50 -28.38 6.27
CA GLN A 85 13.12 -27.72 7.50
C GLN A 85 12.50 -26.36 7.14
N SER A 86 11.78 -25.79 8.11
CA SER A 86 11.12 -24.51 8.02
C SER A 86 11.80 -23.45 8.90
N ALA A 87 12.66 -23.84 9.85
CA ALA A 87 13.13 -22.89 10.84
C ALA A 87 14.14 -21.89 10.25
N ALA A 88 14.76 -22.22 9.10
CA ALA A 88 15.68 -21.33 8.44
C ALA A 88 14.91 -20.39 7.51
N GLY A 89 13.57 -20.41 7.61
CA GLY A 89 12.73 -19.58 6.78
C GLY A 89 12.06 -20.35 5.64
N VAL A 90 10.79 -20.02 5.40
CA VAL A 90 10.03 -20.64 4.32
C VAL A 90 9.84 -19.60 3.20
N GLY A 91 10.44 -18.39 3.34
CA GLY A 91 10.66 -17.53 2.20
C GLY A 91 12.04 -17.80 1.59
N LEU A 92 12.42 -16.98 0.61
CA LEU A 92 13.74 -17.10 -0.01
C LEU A 92 14.81 -16.84 1.03
N SER A 93 14.58 -15.86 1.89
CA SER A 93 15.58 -15.42 2.83
C SER A 93 15.98 -16.59 3.73
N ASN A 94 17.30 -16.77 3.90
CA ASN A 94 17.83 -17.78 4.77
C ASN A 94 18.23 -17.16 6.13
N PHE A 95 17.47 -17.52 7.17
CA PHE A 95 17.63 -16.96 8.50
C PHE A 95 18.91 -17.44 9.16
N ARG A 96 19.60 -18.37 8.51
CA ARG A 96 20.95 -18.70 8.89
C ARG A 96 21.83 -17.45 8.80
N TYR A 97 21.56 -16.59 7.81
CA TYR A 97 22.43 -15.48 7.51
C TYR A 97 21.71 -14.14 7.53
N GLU A 98 20.42 -14.13 7.25
CA GLU A 98 19.73 -12.89 6.96
C GLU A 98 18.79 -12.55 8.10
N THR A 99 18.63 -11.23 8.30
CA THR A 99 17.82 -10.69 9.37
C THR A 99 16.36 -10.79 8.94
N PRO A 100 15.47 -11.46 9.72
CA PRO A 100 14.06 -11.49 9.37
C PRO A 100 13.45 -10.10 9.48
N TRP A 101 12.42 -9.85 8.66
CA TRP A 101 11.78 -8.55 8.74
C TRP A 101 10.98 -8.44 10.02
N ARG A 102 10.64 -9.60 10.59
CA ARG A 102 9.91 -9.67 11.84
C ARG A 102 10.39 -10.89 12.57
N PRO A 103 10.20 -10.97 13.91
CA PRO A 103 10.42 -12.23 14.61
C PRO A 103 9.64 -13.33 13.88
N PRO A 104 10.34 -14.37 13.37
CA PRO A 104 9.70 -15.43 12.59
C PRO A 104 8.55 -16.07 13.36
N SER A 105 7.55 -16.50 12.60
CA SER A 105 6.40 -17.22 13.11
C SER A 105 6.86 -18.45 13.90
N ILE A 106 6.24 -18.65 15.07
CA ILE A 106 6.59 -19.81 15.90
C ILE A 106 5.78 -21.05 15.48
N LEU A 107 4.89 -20.90 14.48
CA LEU A 107 4.31 -22.03 13.78
C LEU A 107 5.02 -22.32 12.45
N LEU A 108 4.86 -21.39 11.50
CA LEU A 108 5.29 -21.56 10.14
C LEU A 108 6.80 -21.72 10.02
N GLU A 109 7.57 -21.04 10.87
CA GLU A 109 9.02 -21.06 10.71
C GLU A 109 9.63 -21.74 11.93
N ALA A 110 8.97 -22.79 12.37
CA ALA A 110 9.52 -23.60 13.44
C ALA A 110 9.42 -25.07 13.04
N ASP A 111 10.40 -25.86 13.48
CA ASP A 111 10.46 -27.27 13.28
C ASP A 111 10.15 -27.99 14.58
N PRO A 112 9.88 -29.31 14.55
CA PRO A 112 9.82 -30.07 15.80
C PRO A 112 11.16 -29.97 16.49
N PRO A 113 11.24 -29.97 17.83
CA PRO A 113 10.07 -29.99 18.71
C PRO A 113 9.42 -28.64 19.08
N HIS A 114 9.95 -27.52 18.60
CA HIS A 114 9.45 -26.20 19.00
C HIS A 114 8.09 -25.94 18.36
N HIS A 115 7.86 -26.60 17.21
CA HIS A 115 6.62 -26.39 16.47
C HIS A 115 5.40 -26.91 17.23
N ASP A 116 5.63 -27.95 18.03
CA ASP A 116 4.58 -28.88 18.37
C ASP A 116 3.53 -28.24 19.27
N ALA A 117 3.97 -27.53 20.33
CA ALA A 117 3.02 -27.00 21.31
C ALA A 117 2.13 -25.92 20.69
N PRO A 118 2.68 -24.91 19.98
CA PRO A 118 1.84 -23.89 19.39
C PRO A 118 0.89 -24.41 18.30
N ARG A 119 1.39 -25.31 17.46
CA ARG A 119 0.52 -26.05 16.56
C ARG A 119 -0.69 -26.72 17.25
N ALA A 120 -0.43 -27.44 18.35
CA ALA A 120 -1.49 -28.20 19.02
C ALA A 120 -2.57 -27.27 19.59
N VAL A 121 -2.15 -26.12 20.11
CA VAL A 121 -3.04 -25.08 20.60
C VAL A 121 -4.00 -24.62 19.49
N LEU A 122 -3.46 -24.22 18.33
CA LEU A 122 -4.29 -23.78 17.22
C LEU A 122 -5.15 -24.90 16.64
N SER A 123 -4.58 -26.13 16.62
CA SER A 123 -5.29 -27.27 16.05
C SER A 123 -6.62 -27.47 16.78
N LYS A 124 -6.58 -27.27 18.10
N LYS A 124 -6.60 -27.30 18.11
CA LYS A 124 -7.73 -27.45 18.95
CA LYS A 124 -7.82 -27.46 18.88
C LYS A 124 -8.68 -26.27 18.77
C LYS A 124 -8.72 -26.24 18.70
N ILE A 125 -8.15 -25.05 18.85
CA ILE A 125 -8.96 -23.83 18.86
C ILE A 125 -9.64 -23.57 17.52
N LEU A 126 -8.98 -24.00 16.43
CA LEU A 126 -9.54 -23.79 15.10
C LEU A 126 -10.12 -25.08 14.54
N GLY A 127 -10.29 -26.11 15.38
CA GLY A 127 -10.74 -27.40 14.89
C GLY A 127 -12.25 -27.44 14.68
N PRO A 128 -12.77 -28.48 13.99
CA PRO A 128 -14.20 -28.50 13.64
C PRO A 128 -15.14 -28.36 14.82
N ARG A 129 -14.90 -29.13 15.89
CA ARG A 129 -15.74 -29.08 17.07
C ARG A 129 -15.82 -27.65 17.58
N ALA A 130 -14.67 -26.96 17.65
CA ALA A 130 -14.58 -25.63 18.23
C ALA A 130 -15.33 -24.63 17.37
N LEU A 131 -15.27 -24.80 16.05
CA LEU A 131 -15.89 -23.85 15.14
C LEU A 131 -17.40 -24.01 15.11
N GLN A 132 -17.89 -25.16 15.58
CA GLN A 132 -19.31 -25.47 15.53
C GLN A 132 -20.12 -24.30 16.07
N LYS A 133 -19.66 -23.67 17.15
CA LYS A 133 -20.41 -22.62 17.80
C LYS A 133 -20.41 -21.33 16.98
N LEU A 134 -19.55 -21.22 15.96
CA LEU A 134 -19.51 -19.98 15.18
C LEU A 134 -20.36 -20.09 13.93
N ARG A 135 -20.80 -21.30 13.58
CA ARG A 135 -21.37 -21.57 12.27
C ARG A 135 -22.62 -20.72 12.05
N ALA A 136 -23.58 -20.80 12.98
CA ALA A 136 -24.83 -20.11 12.75
C ALA A 136 -24.61 -18.60 12.68
N ALA A 137 -23.71 -18.09 13.50
CA ALA A 137 -23.42 -16.66 13.52
C ALA A 137 -22.77 -16.23 12.19
N TRP A 138 -21.85 -17.05 11.67
CA TRP A 138 -21.20 -16.69 10.43
C TRP A 138 -22.16 -16.80 9.26
N ILE A 139 -22.95 -17.89 9.26
CA ILE A 139 -23.99 -18.04 8.25
C ILE A 139 -24.90 -16.83 8.30
N GLN A 140 -25.26 -16.42 9.51
CA GLN A 140 -26.18 -15.32 9.69
C GLN A 140 -25.56 -14.02 9.19
N ASP A 141 -24.27 -13.80 9.52
CA ASP A 141 -23.59 -12.57 9.15
C ASP A 141 -23.44 -12.51 7.63
N ALA A 142 -23.22 -13.66 6.99
CA ALA A 142 -23.13 -13.71 5.54
C ALA A 142 -24.47 -13.35 4.89
N GLU A 143 -25.57 -13.85 5.46
CA GLU A 143 -26.90 -13.63 4.89
C GLU A 143 -27.23 -12.15 4.97
N ALA A 144 -26.87 -11.52 6.09
CA ALA A 144 -27.09 -10.09 6.28
C ALA A 144 -26.28 -9.29 5.26
N LEU A 145 -25.03 -9.69 5.06
CA LEU A 145 -24.14 -8.99 4.14
C LEU A 145 -24.73 -9.03 2.73
N VAL A 146 -25.02 -10.24 2.28
CA VAL A 146 -25.54 -10.43 0.95
C VAL A 146 -26.88 -9.72 0.80
N ASP A 147 -27.77 -9.87 1.79
CA ASP A 147 -29.10 -9.28 1.70
C ASP A 147 -29.00 -7.76 1.52
N GLN A 148 -28.13 -7.13 2.32
CA GLN A 148 -27.98 -5.68 2.31
C GLN A 148 -27.28 -5.19 1.03
N LEU A 149 -26.34 -5.99 0.52
CA LEU A 149 -25.71 -5.67 -0.74
C LEU A 149 -26.76 -5.72 -1.85
N LEU A 150 -27.54 -6.80 -1.90
CA LEU A 150 -28.44 -7.02 -3.03
C LEU A 150 -29.62 -6.05 -2.95
N ALA A 151 -29.93 -5.53 -1.75
CA ALA A 151 -30.94 -4.50 -1.59
C ALA A 151 -30.54 -3.24 -2.37
N ASN A 152 -29.23 -2.94 -2.39
CA ASN A 152 -28.71 -1.74 -3.03
C ASN A 152 -28.43 -1.97 -4.51
N THR A 153 -27.91 -3.14 -4.88
CA THR A 153 -27.35 -3.30 -6.22
C THR A 153 -27.25 -4.78 -6.61
N THR A 154 -27.40 -5.06 -7.92
CA THR A 154 -27.18 -6.37 -8.47
C THR A 154 -25.93 -6.39 -9.37
N GLU A 155 -25.14 -5.31 -9.35
CA GLU A 155 -23.83 -5.23 -10.01
C GLU A 155 -22.83 -4.56 -9.05
N PHE A 156 -21.69 -5.22 -8.85
CA PHE A 156 -20.81 -4.90 -7.73
C PHE A 156 -19.52 -5.68 -7.90
N ASP A 157 -18.52 -5.32 -7.10
CA ASP A 157 -17.24 -5.97 -7.20
C ASP A 157 -17.23 -7.13 -6.20
N ALA A 158 -17.08 -8.38 -6.67
CA ALA A 158 -17.06 -9.55 -5.81
C ALA A 158 -15.93 -9.51 -4.78
N VAL A 159 -14.82 -8.83 -5.09
CA VAL A 159 -13.70 -8.75 -4.16
C VAL A 159 -14.09 -7.82 -3.01
N THR A 160 -14.32 -6.54 -3.32
CA THR A 160 -14.47 -5.53 -2.27
C THR A 160 -15.77 -5.76 -1.51
N ASP A 161 -16.85 -6.19 -2.19
CA ASP A 161 -18.17 -6.23 -1.59
C ASP A 161 -18.47 -7.59 -0.95
N LEU A 162 -17.65 -8.63 -1.20
CA LEU A 162 -17.95 -9.97 -0.71
C LEU A 162 -16.70 -10.63 -0.16
N ALA A 163 -15.74 -10.86 -1.04
CA ALA A 163 -14.60 -11.70 -0.71
C ALA A 163 -13.75 -11.02 0.36
N ALA A 164 -13.65 -9.68 0.25
CA ALA A 164 -12.87 -8.91 1.22
C ALA A 164 -13.75 -8.61 2.42
N ALA A 165 -14.98 -8.15 2.15
CA ALA A 165 -15.96 -7.76 3.15
C ALA A 165 -16.20 -8.88 4.17
N PHE A 166 -16.50 -10.10 3.71
CA PHE A 166 -17.00 -11.12 4.62
C PHE A 166 -15.94 -11.52 5.65
N PRO A 167 -14.69 -11.86 5.29
CA PRO A 167 -13.69 -12.17 6.31
C PRO A 167 -13.47 -11.04 7.32
N LEU A 168 -13.51 -9.80 6.84
CA LEU A 168 -13.28 -8.66 7.71
C LEU A 168 -14.43 -8.54 8.70
N ARG A 169 -15.62 -8.97 8.32
CA ARG A 169 -16.78 -8.86 9.18
C ARG A 169 -16.78 -9.95 10.26
N VAL A 170 -16.15 -11.11 10.03
CA VAL A 170 -16.32 -12.20 10.98
C VAL A 170 -15.02 -12.57 11.67
N PHE A 171 -13.89 -12.48 10.97
CA PHE A 171 -12.70 -13.18 11.44
C PHE A 171 -12.05 -12.38 12.55
N PRO A 172 -11.84 -11.04 12.37
CA PRO A 172 -11.32 -10.19 13.44
C PRO A 172 -12.15 -10.23 14.72
N ASP A 173 -13.48 -10.27 14.59
CA ASP A 173 -14.34 -10.39 15.75
C ASP A 173 -14.13 -11.75 16.42
N ALA A 174 -13.90 -12.81 15.63
CA ALA A 174 -13.78 -14.13 16.18
C ALA A 174 -12.44 -14.29 16.88
N VAL A 175 -11.40 -13.65 16.35
CA VAL A 175 -10.13 -13.58 17.05
C VAL A 175 -10.34 -12.78 18.34
N GLY A 176 -11.06 -11.66 18.20
CA GLY A 176 -11.47 -10.79 19.30
C GLY A 176 -10.55 -9.58 19.47
N ILE A 177 -9.90 -9.15 18.39
CA ILE A 177 -9.15 -7.90 18.41
C ILE A 177 -10.10 -6.71 18.41
N PRO A 178 -9.58 -5.53 18.82
CA PRO A 178 -10.39 -4.31 18.80
C PRO A 178 -10.65 -3.85 17.38
N ASP A 179 -11.60 -2.93 17.22
CA ASP A 179 -11.92 -2.37 15.92
C ASP A 179 -10.78 -1.50 15.40
N ALA A 180 -10.18 -0.71 16.29
CA ALA A 180 -9.10 0.19 15.93
C ALA A 180 -7.97 -0.55 15.20
N GLY A 181 -7.69 -0.11 13.96
CA GLY A 181 -6.49 -0.47 13.23
C GLY A 181 -6.70 -1.66 12.28
N ARG A 182 -7.97 -1.99 12.03
CA ARG A 182 -8.31 -3.19 11.29
C ARG A 182 -7.91 -3.03 9.83
N GLU A 183 -7.69 -1.78 9.42
CA GLU A 183 -7.25 -1.48 8.07
C GLU A 183 -5.81 -1.97 7.87
N ASN A 184 -5.13 -2.32 8.96
CA ASN A 184 -3.79 -2.87 8.85
C ASN A 184 -3.79 -4.35 8.45
N LEU A 185 -4.91 -5.08 8.60
CA LEU A 185 -4.85 -6.53 8.43
C LEU A 185 -4.45 -6.93 7.03
N LEU A 186 -5.15 -6.42 6.01
CA LEU A 186 -4.79 -6.75 4.63
C LEU A 186 -3.37 -6.30 4.29
N PRO A 187 -2.95 -5.04 4.50
CA PRO A 187 -1.57 -4.66 4.24
C PRO A 187 -0.52 -5.50 4.97
N TYR A 188 -0.77 -5.82 6.27
CA TYR A 188 0.16 -6.63 7.02
C TYR A 188 0.35 -7.99 6.35
N GLY A 189 -0.79 -8.64 6.06
CA GLY A 189 -0.82 -9.94 5.42
C GLY A 189 -0.11 -9.89 4.07
N ASP A 190 -0.45 -8.88 3.26
CA ASP A 190 0.15 -8.77 1.95
C ASP A 190 1.65 -8.60 2.08
N HIS A 191 2.13 -7.82 3.07
CA HIS A 191 3.55 -7.61 3.17
C HIS A 191 4.23 -8.90 3.58
N ALA A 192 3.64 -9.63 4.52
CA ALA A 192 4.21 -10.90 4.97
C ALA A 192 4.38 -11.88 3.80
N PHE A 193 3.39 -11.98 2.90
CA PHE A 193 3.46 -12.88 1.75
C PHE A 193 4.45 -12.37 0.71
N ASN A 194 4.47 -11.07 0.44
CA ASN A 194 5.51 -10.48 -0.37
C ASN A 194 6.89 -10.81 0.19
N ALA A 195 6.99 -10.81 1.54
CA ALA A 195 8.29 -10.86 2.19
C ALA A 195 8.86 -12.27 2.12
N PHE A 196 8.03 -13.25 1.75
CA PHE A 196 8.55 -14.59 1.48
C PHE A 196 9.30 -14.60 0.16
N GLY A 197 9.06 -13.57 -0.69
CA GLY A 197 9.73 -13.49 -1.97
C GLY A 197 11.11 -12.85 -1.87
N PRO A 198 11.77 -12.54 -3.01
CA PRO A 198 13.00 -11.78 -2.94
C PRO A 198 12.72 -10.35 -2.53
N ALA A 199 13.79 -9.67 -2.07
CA ALA A 199 13.73 -8.25 -1.80
C ALA A 199 13.60 -7.53 -3.14
N ASN A 200 12.49 -7.76 -3.81
CA ASN A 200 12.23 -7.13 -5.10
C ASN A 200 11.35 -5.92 -4.82
N GLY A 201 10.81 -5.30 -5.86
CA GLY A 201 10.02 -4.08 -5.71
C GLY A 201 8.79 -4.29 -4.82
N LEU A 202 8.20 -5.48 -4.86
CA LEU A 202 6.98 -5.71 -4.10
C LEU A 202 7.26 -5.69 -2.61
N VAL A 203 8.47 -6.09 -2.21
CA VAL A 203 8.86 -6.09 -0.82
C VAL A 203 9.37 -4.71 -0.42
N GLU A 204 10.31 -4.19 -1.23
CA GLU A 204 11.09 -3.00 -0.90
C GLU A 204 10.16 -1.77 -0.87
N LYS A 205 9.10 -1.78 -1.68
CA LYS A 205 8.10 -0.71 -1.66
C LYS A 205 7.18 -0.84 -0.44
N GLY A 206 7.33 -1.91 0.34
CA GLY A 206 6.57 -2.08 1.58
C GLY A 206 7.39 -1.82 2.86
N ALA A 207 8.73 -1.73 2.75
CA ALA A 207 9.62 -1.76 3.90
C ALA A 207 9.50 -0.50 4.77
N PRO A 208 9.23 0.71 4.23
CA PRO A 208 8.93 1.85 5.10
C PRO A 208 7.81 1.60 6.12
N ARG A 209 6.79 0.84 5.69
CA ARG A 209 5.54 0.81 6.43
C ARG A 209 5.52 -0.30 7.48
N VAL A 210 6.58 -1.13 7.55
CA VAL A 210 6.53 -2.34 8.34
C VAL A 210 6.59 -1.98 9.82
N ALA A 211 7.42 -0.99 10.21
CA ALA A 211 7.55 -0.68 11.62
C ALA A 211 6.16 -0.36 12.17
N GLU A 212 5.34 0.37 11.40
N GLU A 212 5.38 0.42 11.41
CA GLU A 212 4.01 0.77 11.85
CA GLU A 212 4.02 0.74 11.81
C GLU A 212 3.02 -0.40 11.71
C GLU A 212 3.18 -0.52 11.83
N LEU A 213 3.28 -1.29 10.74
CA LEU A 213 2.48 -2.50 10.56
C LEU A 213 2.76 -3.49 11.70
N SER A 214 4.04 -3.72 11.98
CA SER A 214 4.42 -4.64 13.02
C SER A 214 4.00 -4.10 14.39
N GLY A 215 4.12 -2.77 14.55
CA GLY A 215 3.73 -2.09 15.76
C GLY A 215 2.27 -2.34 16.09
N TRP A 216 1.38 -2.16 15.12
CA TRP A 216 -0.03 -2.37 15.37
C TRP A 216 -0.35 -3.82 15.73
N VAL A 217 0.13 -4.78 14.96
CA VAL A 217 -0.29 -6.17 15.13
C VAL A 217 0.14 -6.71 16.50
N ASN A 218 1.36 -6.36 16.94
CA ASN A 218 1.83 -6.76 18.26
C ASN A 218 0.88 -6.26 19.33
N ALA A 219 0.34 -5.04 19.15
CA ALA A 219 -0.61 -4.47 20.08
C ALA A 219 -1.89 -5.31 20.16
N GLN A 220 -2.34 -5.86 19.04
CA GLN A 220 -3.58 -6.62 19.02
C GLN A 220 -3.42 -7.99 19.70
N CYS A 221 -2.19 -8.43 19.92
CA CYS A 221 -1.90 -9.78 20.36
C CYS A 221 -1.84 -9.90 21.88
N ALA A 222 -1.76 -8.75 22.53
CA ALA A 222 -1.66 -8.72 23.98
C ALA A 222 -2.96 -9.20 24.59
N ARG A 223 -2.86 -9.84 25.76
CA ARG A 223 -4.05 -10.36 26.43
C ARG A 223 -5.05 -9.24 26.71
N ASP A 224 -4.57 -8.04 27.08
CA ASP A 224 -5.49 -6.98 27.50
C ASP A 224 -6.15 -6.31 26.30
N ALA A 225 -5.68 -6.56 25.08
CA ALA A 225 -6.27 -5.96 23.89
C ALA A 225 -7.42 -6.82 23.34
N LEU A 226 -7.53 -8.07 23.80
CA LEU A 226 -8.39 -9.07 23.20
C LEU A 226 -9.64 -9.28 24.06
N THR A 227 -10.79 -9.51 23.41
CA THR A 227 -11.97 -9.87 24.17
C THR A 227 -11.64 -11.17 24.90
N GLY A 228 -12.40 -11.51 25.95
CA GLY A 228 -12.12 -12.72 26.71
C GLY A 228 -12.99 -13.88 26.22
N ASP A 229 -13.30 -13.89 24.93
CA ASP A 229 -14.18 -14.85 24.29
C ASP A 229 -13.48 -15.55 23.11
N GLY A 230 -12.85 -14.74 22.26
CA GLY A 230 -12.38 -15.17 20.95
C GLY A 230 -11.22 -16.17 20.99
N PHE A 231 -10.69 -16.46 19.80
CA PHE A 231 -9.53 -17.32 19.62
C PHE A 231 -8.37 -16.77 20.46
N GLY A 232 -8.23 -15.46 20.52
CA GLY A 232 -7.12 -14.86 21.24
C GLY A 232 -7.16 -15.25 22.73
N ALA A 233 -8.30 -15.01 23.35
CA ALA A 233 -8.56 -15.40 24.74
C ALA A 233 -8.31 -16.90 24.92
N GLN A 234 -8.73 -17.72 23.96
CA GLN A 234 -8.53 -19.16 24.02
C GLN A 234 -7.04 -19.50 24.01
N ILE A 235 -6.28 -18.82 23.14
CA ILE A 235 -4.83 -19.00 23.14
C ILE A 235 -4.19 -18.67 24.48
N TRP A 236 -4.60 -17.55 25.07
CA TRP A 236 -4.13 -17.11 26.39
C TRP A 236 -4.54 -18.09 27.49
N ALA A 237 -5.78 -18.62 27.38
CA ALA A 237 -6.27 -19.63 28.30
C ALA A 237 -5.45 -20.91 28.18
N ALA A 238 -5.02 -21.27 26.96
CA ALA A 238 -4.13 -22.40 26.76
C ALA A 238 -2.79 -22.13 27.43
N ALA A 239 -2.34 -20.87 27.44
CA ALA A 239 -1.09 -20.53 28.10
C ALA A 239 -1.25 -20.64 29.62
N ASP A 240 -2.43 -20.32 30.17
CA ASP A 240 -2.71 -20.49 31.60
C ASP A 240 -2.53 -21.96 32.00
N ARG A 241 -3.00 -22.88 31.15
CA ARG A 241 -2.88 -24.32 31.43
C ARG A 241 -1.47 -24.84 31.24
N GLY A 242 -0.59 -24.02 30.63
CA GLY A 242 0.79 -24.43 30.39
C GLY A 242 1.00 -25.14 29.05
N ASP A 243 0.00 -25.12 28.17
CA ASP A 243 0.11 -25.73 26.86
C ASP A 243 1.17 -25.00 26.05
N ILE A 244 1.22 -23.68 26.22
CA ILE A 244 2.23 -22.78 25.69
C ILE A 244 2.56 -21.79 26.83
N THR A 245 3.58 -20.95 26.59
CA THR A 245 4.04 -19.97 27.54
C THR A 245 3.31 -18.66 27.27
N TYR A 246 3.38 -17.73 28.23
CA TYR A 246 2.83 -16.40 28.05
C TYR A 246 3.63 -15.62 27.00
N GLU A 247 4.90 -15.97 26.80
CA GLU A 247 5.70 -15.42 25.73
C GLU A 247 5.23 -15.90 24.35
N GLN A 248 4.86 -17.17 24.22
CA GLN A 248 4.39 -17.69 22.94
C GLN A 248 2.99 -17.16 22.62
N ALA A 249 2.14 -17.03 23.65
CA ALA A 249 0.75 -16.71 23.40
C ALA A 249 0.55 -15.56 22.40
N PRO A 250 1.15 -14.35 22.53
CA PRO A 250 0.86 -13.27 21.58
C PRO A 250 1.35 -13.57 20.17
N LEU A 251 2.43 -14.35 20.03
CA LEU A 251 2.94 -14.72 18.72
C LEU A 251 2.02 -15.76 18.05
N VAL A 252 1.33 -16.57 18.85
CA VAL A 252 0.32 -17.47 18.34
C VAL A 252 -0.85 -16.65 17.82
N VAL A 253 -1.24 -15.62 18.56
CA VAL A 253 -2.31 -14.75 18.09
C VAL A 253 -1.85 -14.11 16.77
N ARG A 254 -0.58 -13.68 16.75
CA ARG A 254 0.04 -13.07 15.59
C ARG A 254 -0.13 -13.98 14.36
N SER A 255 0.15 -15.29 14.51
CA SER A 255 -0.06 -16.22 13.40
C SER A 255 -1.45 -16.07 12.78
N LEU A 256 -2.51 -16.06 13.60
CA LEU A 256 -3.84 -15.88 13.08
C LEU A 256 -4.00 -14.55 12.32
N LEU A 257 -3.41 -13.46 12.84
CA LEU A 257 -3.52 -12.14 12.21
C LEU A 257 -2.61 -11.98 10.98
N THR A 258 -1.71 -12.95 10.71
CA THR A 258 -0.90 -12.89 9.50
C THR A 258 -1.53 -13.78 8.41
N ALA A 259 -1.92 -15.00 8.81
CA ALA A 259 -2.29 -16.06 7.90
C ALA A 259 -3.79 -16.10 7.63
N GLY A 260 -4.59 -15.41 8.44
CA GLY A 260 -5.99 -15.76 8.57
C GLY A 260 -6.93 -14.87 7.75
N VAL A 261 -6.41 -13.78 7.18
CA VAL A 261 -7.30 -12.83 6.52
C VAL A 261 -7.08 -12.83 5.02
N ASP A 262 -5.88 -12.52 4.55
CA ASP A 262 -5.69 -12.34 3.10
C ASP A 262 -5.86 -13.62 2.28
N THR A 263 -5.47 -14.75 2.87
CA THR A 263 -5.66 -16.04 2.29
C THR A 263 -7.14 -16.25 1.97
N THR A 264 -7.99 -16.03 2.98
CA THR A 264 -9.39 -16.34 2.79
C THR A 264 -10.02 -15.35 1.82
N VAL A 265 -9.56 -14.09 1.86
CA VAL A 265 -10.08 -13.10 0.92
C VAL A 265 -9.84 -13.58 -0.50
N ASN A 266 -8.63 -14.02 -0.79
CA ASN A 266 -8.27 -14.43 -2.15
C ASN A 266 -8.88 -15.78 -2.52
N GLY A 267 -8.97 -16.72 -1.58
CA GLY A 267 -9.69 -17.95 -1.83
C GLY A 267 -11.17 -17.69 -2.13
N LEU A 268 -11.79 -16.79 -1.36
CA LEU A 268 -13.19 -16.47 -1.60
C LEU A 268 -13.36 -15.77 -2.95
N ALA A 269 -12.41 -14.88 -3.30
CA ALA A 269 -12.48 -14.20 -4.60
C ALA A 269 -12.41 -15.23 -5.73
N ALA A 270 -11.54 -16.24 -5.60
CA ALA A 270 -11.32 -17.27 -6.58
C ALA A 270 -12.57 -18.11 -6.78
N VAL A 271 -13.20 -18.49 -5.66
CA VAL A 271 -14.36 -19.35 -5.75
C VAL A 271 -15.49 -18.57 -6.41
N LEU A 272 -15.55 -17.28 -6.10
CA LEU A 272 -16.62 -16.44 -6.69
C LEU A 272 -16.35 -16.25 -8.18
N TYR A 273 -15.09 -16.07 -8.53
CA TYR A 273 -14.65 -15.92 -9.92
C TYR A 273 -14.98 -17.22 -10.66
N ALA A 274 -14.69 -18.37 -10.02
CA ALA A 274 -14.94 -19.64 -10.62
C ALA A 274 -16.44 -19.80 -10.91
N PHE A 275 -17.29 -19.51 -9.92
CA PHE A 275 -18.74 -19.66 -10.10
C PHE A 275 -19.24 -18.73 -11.18
N ALA A 276 -18.74 -17.47 -11.17
CA ALA A 276 -19.20 -16.46 -12.12
C ALA A 276 -18.82 -16.85 -13.55
N THR A 277 -17.85 -17.76 -13.74
CA THR A 277 -17.44 -18.15 -15.10
C THR A 277 -17.87 -19.58 -15.40
N HIS A 278 -18.68 -20.22 -14.54
CA HIS A 278 -19.03 -21.62 -14.69
C HIS A 278 -20.50 -21.78 -14.29
N PRO A 279 -21.47 -21.37 -15.13
CA PRO A 279 -22.88 -21.39 -14.75
C PRO A 279 -23.42 -22.75 -14.33
N ASP A 280 -22.87 -23.83 -14.91
CA ASP A 280 -23.34 -25.14 -14.56
C ASP A 280 -22.87 -25.50 -13.16
N GLN A 281 -21.60 -25.25 -12.87
CA GLN A 281 -21.07 -25.44 -11.53
C GLN A 281 -21.85 -24.63 -10.50
N TRP A 282 -22.18 -23.36 -10.82
CA TRP A 282 -23.03 -22.57 -9.96
C TRP A 282 -24.37 -23.29 -9.72
N ALA A 283 -25.07 -23.71 -10.78
CA ALA A 283 -26.36 -24.38 -10.59
C ALA A 283 -26.18 -25.66 -9.74
N ARG A 284 -25.04 -26.31 -9.88
CA ARG A 284 -24.84 -27.55 -9.12
C ARG A 284 -24.76 -27.25 -7.63
N LEU A 285 -24.09 -26.14 -7.32
CA LEU A 285 -24.02 -25.66 -5.95
C LEU A 285 -25.43 -25.39 -5.44
N ARG A 286 -26.17 -24.59 -6.21
CA ARG A 286 -27.49 -24.20 -5.84
C ARG A 286 -28.39 -25.42 -5.69
N GLU A 287 -28.09 -26.49 -6.42
CA GLU A 287 -28.92 -27.67 -6.42
C GLU A 287 -28.53 -28.57 -5.25
N ASN A 288 -27.42 -28.26 -4.59
CA ASN A 288 -27.03 -29.04 -3.43
C ASN A 288 -26.06 -28.25 -2.57
N ARG A 289 -26.59 -27.67 -1.47
CA ARG A 289 -25.88 -26.66 -0.71
C ARG A 289 -24.68 -27.29 0.01
N THR A 290 -24.66 -28.62 0.15
CA THR A 290 -23.59 -29.29 0.86
C THR A 290 -22.33 -29.33 -0.01
N LEU A 291 -22.43 -28.84 -1.27
CA LEU A 291 -21.28 -28.78 -2.16
C LEU A 291 -20.35 -27.61 -1.85
N ALA A 292 -20.76 -26.61 -1.06
CA ALA A 292 -19.89 -25.51 -0.70
C ALA A 292 -18.51 -26.00 -0.26
N ARG A 293 -18.45 -26.95 0.69
CA ARG A 293 -17.17 -27.39 1.23
C ARG A 293 -16.23 -27.68 0.09
N THR A 294 -16.70 -28.56 -0.80
CA THR A 294 -15.85 -29.17 -1.79
C THR A 294 -15.62 -28.15 -2.91
N ALA A 295 -16.58 -27.24 -3.06
CA ALA A 295 -16.41 -26.13 -3.99
C ALA A 295 -15.21 -25.29 -3.57
N PHE A 296 -15.13 -24.95 -2.29
CA PHE A 296 -14.02 -24.12 -1.87
C PHE A 296 -12.68 -24.85 -2.00
N ASP A 297 -12.65 -26.14 -1.63
CA ASP A 297 -11.42 -26.92 -1.71
C ASP A 297 -10.94 -27.05 -3.16
N GLU A 298 -11.88 -27.18 -4.10
CA GLU A 298 -11.54 -27.25 -5.52
C GLU A 298 -11.00 -25.90 -6.02
N ALA A 299 -11.63 -24.81 -5.57
CA ALA A 299 -11.08 -23.48 -5.83
C ALA A 299 -9.69 -23.32 -5.26
N VAL A 300 -9.47 -23.84 -4.05
CA VAL A 300 -8.14 -23.76 -3.49
C VAL A 300 -7.14 -24.48 -4.38
N ARG A 301 -7.50 -25.69 -4.84
CA ARG A 301 -6.62 -26.43 -5.74
C ARG A 301 -6.39 -25.60 -7.00
N TRP A 302 -7.50 -25.15 -7.59
CA TRP A 302 -7.50 -24.56 -8.93
C TRP A 302 -6.75 -23.21 -8.95
N GLU A 303 -7.01 -22.35 -7.97
CA GLU A 303 -6.34 -21.06 -7.87
C GLU A 303 -5.00 -21.18 -7.15
N SER A 304 -4.99 -21.99 -6.08
CA SER A 304 -3.85 -22.10 -5.19
C SER A 304 -3.41 -20.71 -4.71
N PRO A 305 -4.25 -20.04 -3.87
CA PRO A 305 -3.96 -18.69 -3.37
C PRO A 305 -2.56 -18.55 -2.81
N VAL A 306 -2.08 -19.56 -2.08
CA VAL A 306 -0.69 -19.57 -1.71
C VAL A 306 0.04 -20.39 -2.76
N GLN A 307 0.89 -19.72 -3.53
CA GLN A 307 1.55 -20.28 -4.72
C GLN A 307 2.77 -21.11 -4.39
N THR A 308 3.59 -20.62 -3.46
CA THR A 308 4.95 -21.10 -3.26
C THR A 308 5.33 -20.95 -1.78
N PHE A 309 6.14 -21.91 -1.33
CA PHE A 309 6.86 -21.84 -0.08
C PHE A 309 8.19 -22.53 -0.30
N PHE A 310 9.18 -22.16 0.52
CA PHE A 310 10.50 -22.73 0.52
C PHE A 310 10.69 -23.61 1.76
N ARG A 311 11.71 -24.44 1.64
CA ARG A 311 12.25 -25.24 2.72
C ARG A 311 13.77 -25.21 2.56
N THR A 312 14.47 -25.60 3.62
CA THR A 312 15.92 -25.68 3.59
C THR A 312 16.35 -27.10 3.91
N ALA A 313 17.16 -27.64 3.00
CA ALA A 313 17.69 -28.98 3.11
C ALA A 313 18.60 -29.04 4.33
N THR A 314 18.40 -30.08 5.17
CA THR A 314 19.14 -30.22 6.42
C THR A 314 20.31 -31.18 6.21
N ARG A 315 20.33 -31.84 5.06
CA ARG A 315 21.35 -32.81 4.67
C ARG A 315 21.22 -32.94 3.17
N ASP A 316 22.26 -33.42 2.46
CA ASP A 316 22.08 -33.74 1.05
C ASP A 316 20.89 -34.70 0.92
N THR A 317 19.93 -34.41 0.02
CA THR A 317 18.70 -35.21 -0.06
C THR A 317 18.32 -35.52 -1.50
N GLU A 318 17.97 -36.78 -1.77
CA GLU A 318 17.47 -37.16 -3.09
C GLU A 318 15.97 -36.86 -3.18
N ILE A 319 15.59 -36.15 -4.23
CA ILE A 319 14.18 -35.94 -4.53
C ILE A 319 14.11 -35.81 -6.05
N GLY A 320 13.03 -36.36 -6.63
CA GLY A 320 12.83 -36.49 -8.06
C GLY A 320 14.09 -36.79 -8.87
N GLY A 321 14.98 -37.65 -8.37
CA GLY A 321 16.22 -37.97 -9.08
C GLY A 321 17.39 -37.05 -8.73
N ALA A 322 17.13 -35.86 -8.17
CA ALA A 322 18.16 -34.87 -7.90
C ALA A 322 18.62 -34.89 -6.45
N THR A 323 19.88 -34.50 -6.20
CA THR A 323 20.40 -34.30 -4.85
C THR A 323 20.29 -32.81 -4.48
N ILE A 324 19.57 -32.53 -3.40
CA ILE A 324 19.50 -31.17 -2.89
C ILE A 324 20.61 -31.04 -1.88
N PRO A 325 21.67 -30.23 -2.14
CA PRO A 325 22.74 -30.13 -1.16
C PRO A 325 22.26 -29.58 0.16
N ASP A 326 22.83 -30.16 1.22
CA ASP A 326 22.67 -29.63 2.56
C ASP A 326 22.81 -28.11 2.50
N GLY A 327 21.83 -27.41 3.09
CA GLY A 327 21.88 -25.98 3.30
C GLY A 327 21.24 -25.19 2.16
N LYS A 328 20.86 -25.85 1.07
CA LYS A 328 20.21 -25.15 -0.05
C LYS A 328 18.70 -25.27 0.08
N LYS A 329 18.01 -24.29 -0.53
CA LYS A 329 16.56 -24.21 -0.47
C LYS A 329 15.90 -24.82 -1.70
N ILE A 330 14.72 -25.40 -1.42
CA ILE A 330 13.78 -25.91 -2.39
C ILE A 330 12.66 -24.91 -2.44
N LEU A 331 12.13 -24.72 -3.66
CA LEU A 331 10.99 -23.86 -3.91
C LEU A 331 9.89 -24.80 -4.38
N MET A 332 8.84 -24.92 -3.56
CA MET A 332 7.71 -25.79 -3.81
C MET A 332 6.60 -24.96 -4.43
N PHE A 333 6.18 -25.38 -5.61
CA PHE A 333 5.18 -24.66 -6.36
C PHE A 333 3.85 -25.37 -6.17
N LEU A 334 3.06 -24.87 -5.23
CA LEU A 334 1.84 -25.53 -4.83
C LEU A 334 0.82 -25.42 -5.96
N GLY A 335 0.70 -24.21 -6.52
CA GLY A 335 -0.15 -24.01 -7.69
C GLY A 335 0.14 -25.00 -8.83
N ALA A 336 1.43 -25.20 -9.16
CA ALA A 336 1.83 -26.08 -10.23
C ALA A 336 1.53 -27.55 -9.91
N ALA A 337 1.83 -28.01 -8.68
CA ALA A 337 1.49 -29.34 -8.22
C ALA A 337 -0.03 -29.59 -8.25
N ASN A 338 -0.81 -28.55 -8.02
CA ASN A 338 -2.27 -28.61 -7.98
C ASN A 338 -2.87 -28.65 -9.39
N ARG A 339 -2.05 -28.35 -10.40
CA ARG A 339 -2.46 -28.46 -11.80
C ARG A 339 -1.62 -29.48 -12.56
N ASP A 340 -0.98 -30.41 -11.83
CA ASP A 340 -0.12 -31.42 -12.41
C ASP A 340 -1.00 -32.53 -12.99
N PRO A 341 -0.95 -32.79 -14.33
CA PRO A 341 -1.80 -33.82 -14.93
C PRO A 341 -1.37 -35.24 -14.53
N ARG A 342 -0.18 -35.38 -13.90
CA ARG A 342 0.19 -36.67 -13.35
C ARG A 342 -0.74 -37.06 -12.20
N ARG A 343 -1.33 -36.07 -11.52
CA ARG A 343 -2.18 -36.31 -10.36
C ARG A 343 -3.63 -35.95 -10.62
N TRP A 344 -3.88 -34.97 -11.49
CA TRP A 344 -5.21 -34.44 -11.67
C TRP A 344 -5.63 -34.64 -13.11
N GLU A 345 -6.89 -35.04 -13.30
CA GLU A 345 -7.45 -35.21 -14.62
C GLU A 345 -7.92 -33.83 -15.08
N ASN A 346 -7.54 -33.41 -16.28
CA ASN A 346 -8.01 -32.13 -16.82
C ASN A 346 -7.81 -31.04 -15.76
N PRO A 347 -6.55 -30.79 -15.30
CA PRO A 347 -6.31 -29.95 -14.15
C PRO A 347 -6.79 -28.50 -14.27
N GLU A 348 -6.90 -27.94 -15.49
CA GLU A 348 -7.21 -26.53 -15.65
C GLU A 348 -8.68 -26.27 -15.33
N VAL A 349 -9.49 -27.33 -15.29
CA VAL A 349 -10.91 -27.14 -15.12
C VAL A 349 -11.27 -27.02 -13.65
N PHE A 350 -12.15 -26.04 -13.37
CA PHE A 350 -12.79 -25.91 -12.07
C PHE A 350 -14.03 -26.80 -12.11
N ASP A 351 -14.03 -27.86 -11.29
CA ASP A 351 -15.08 -28.86 -11.35
C ASP A 351 -15.48 -29.33 -9.97
N LEU A 352 -16.69 -29.01 -9.54
CA LEU A 352 -17.03 -29.45 -8.19
C LEU A 352 -17.38 -30.94 -8.13
N GLY A 353 -17.48 -31.59 -9.29
CA GLY A 353 -17.57 -33.04 -9.37
C GLY A 353 -16.21 -33.68 -9.07
N ARG A 354 -15.13 -32.92 -9.23
CA ARG A 354 -13.82 -33.46 -8.90
C ARG A 354 -13.77 -33.78 -7.40
N ASN A 355 -12.98 -34.77 -7.04
CA ASN A 355 -12.56 -34.93 -5.66
C ASN A 355 -11.20 -34.24 -5.51
N PRO A 356 -11.15 -33.03 -4.89
CA PRO A 356 -9.93 -32.28 -4.72
C PRO A 356 -9.10 -32.63 -3.49
N SER A 357 -9.61 -33.61 -2.72
CA SER A 357 -8.91 -33.99 -1.51
C SER A 357 -7.51 -34.44 -1.90
N GLY A 358 -6.52 -33.98 -1.15
CA GLY A 358 -5.12 -34.22 -1.46
C GLY A 358 -4.46 -33.10 -2.25
N HIS A 359 -5.20 -32.06 -2.67
CA HIS A 359 -4.53 -30.91 -3.24
C HIS A 359 -3.58 -30.39 -2.14
N VAL A 360 -2.51 -29.71 -2.57
CA VAL A 360 -1.49 -29.19 -1.66
C VAL A 360 -1.65 -27.68 -1.49
N GLY A 361 -2.85 -27.15 -1.72
CA GLY A 361 -3.11 -25.72 -1.56
C GLY A 361 -3.04 -25.22 -0.11
N TYR A 362 -3.21 -26.12 0.84
CA TYR A 362 -3.05 -25.86 2.27
C TYR A 362 -1.74 -26.42 2.78
N GLY A 363 -0.89 -26.93 1.87
CA GLY A 363 0.31 -27.64 2.27
C GLY A 363 -0.01 -29.10 2.60
N MET A 364 0.83 -29.75 3.39
CA MET A 364 0.70 -31.16 3.62
C MET A 364 1.67 -31.54 4.74
N GLY A 365 1.23 -32.42 5.63
CA GLY A 365 2.12 -32.86 6.70
C GLY A 365 2.02 -31.92 7.90
N ILE A 366 3.09 -31.79 8.69
CA ILE A 366 2.95 -31.27 10.04
C ILE A 366 2.59 -29.78 10.03
N HIS A 367 2.83 -29.05 8.93
CA HIS A 367 2.49 -27.65 8.89
C HIS A 367 1.24 -27.39 8.08
N GLN A 368 0.57 -28.45 7.62
CA GLN A 368 -0.64 -28.24 6.82
C GLN A 368 -1.58 -27.25 7.51
N CYS A 369 -2.14 -26.33 6.70
CA CYS A 369 -2.89 -25.20 7.20
C CYS A 369 -3.79 -25.58 8.37
N VAL A 370 -3.64 -24.85 9.47
CA VAL A 370 -4.39 -25.14 10.68
C VAL A 370 -5.71 -24.38 10.65
N GLY A 371 -5.81 -23.42 9.70
CA GLY A 371 -7.00 -22.60 9.54
C GLY A 371 -7.96 -23.08 8.45
N GLN A 372 -7.85 -24.32 7.99
CA GLN A 372 -8.64 -24.78 6.86
C GLN A 372 -10.12 -24.93 7.23
N HIS A 373 -10.39 -25.33 8.48
CA HIS A 373 -11.77 -25.39 8.96
C HIS A 373 -12.34 -23.99 8.98
N VAL A 374 -11.52 -23.00 9.28
CA VAL A 374 -11.99 -21.62 9.34
C VAL A 374 -12.28 -21.16 7.92
N ALA A 375 -11.34 -21.46 7.00
CA ALA A 375 -11.58 -21.07 5.62
C ALA A 375 -12.86 -21.72 5.06
N ARG A 376 -13.04 -23.01 5.31
CA ARG A 376 -14.16 -23.75 4.73
C ARG A 376 -15.48 -23.21 5.27
N LEU A 377 -15.49 -22.85 6.56
CA LEU A 377 -16.71 -22.32 7.16
C LEU A 377 -17.08 -20.95 6.60
N GLU A 378 -16.10 -20.08 6.38
CA GLU A 378 -16.35 -18.78 5.76
C GLU A 378 -16.96 -19.01 4.39
N SER A 379 -16.36 -19.93 3.60
CA SER A 379 -16.86 -20.21 2.25
C SER A 379 -18.29 -20.75 2.31
N GLU A 380 -18.52 -21.68 3.22
CA GLU A 380 -19.83 -22.31 3.37
C GLU A 380 -20.88 -21.26 3.68
N ALA A 381 -20.54 -20.35 4.60
CA ALA A 381 -21.41 -19.24 5.01
C ALA A 381 -21.70 -18.30 3.85
N LEU A 382 -20.66 -17.82 3.17
CA LEU A 382 -20.83 -16.84 2.10
C LEU A 382 -21.54 -17.47 0.90
N LEU A 383 -21.13 -18.70 0.53
CA LEU A 383 -21.72 -19.38 -0.63
C LEU A 383 -23.20 -19.72 -0.40
N THR A 384 -23.52 -20.18 0.80
CA THR A 384 -24.91 -20.47 1.18
C THR A 384 -25.72 -19.20 1.05
N ALA A 385 -25.23 -18.11 1.63
CA ALA A 385 -25.96 -16.84 1.58
C ALA A 385 -26.12 -16.39 0.13
N LEU A 386 -25.06 -16.51 -0.68
CA LEU A 386 -25.19 -16.04 -2.04
C LEU A 386 -26.18 -16.91 -2.82
N ALA A 387 -26.06 -18.23 -2.64
CA ALA A 387 -26.88 -19.17 -3.39
C ALA A 387 -28.35 -18.97 -3.07
N SER A 388 -28.65 -18.56 -1.84
CA SER A 388 -30.03 -18.39 -1.45
C SER A 388 -30.72 -17.28 -2.25
N ARG A 389 -29.96 -16.32 -2.80
N ARG A 389 -29.95 -16.32 -2.77
CA ARG A 389 -30.55 -15.08 -3.28
CA ARG A 389 -30.51 -15.08 -3.30
C ARG A 389 -30.21 -14.84 -4.74
C ARG A 389 -30.34 -15.04 -4.81
N VAL A 390 -29.19 -15.54 -5.28
CA VAL A 390 -28.76 -15.37 -6.66
C VAL A 390 -29.06 -16.58 -7.54
N HIS A 391 -29.84 -16.34 -8.59
CA HIS A 391 -30.20 -17.30 -9.60
C HIS A 391 -29.00 -17.60 -10.48
N SER A 392 -28.41 -16.57 -11.09
CA SER A 392 -27.22 -16.77 -11.91
C SER A 392 -26.30 -15.57 -11.72
N LEU A 393 -25.07 -15.71 -12.17
CA LEU A 393 -23.95 -14.86 -11.81
C LEU A 393 -23.08 -14.79 -13.06
N GLU A 394 -22.63 -13.59 -13.45
CA GLU A 394 -21.81 -13.39 -14.63
C GLU A 394 -20.65 -12.47 -14.26
N ILE A 395 -19.50 -12.61 -14.92
CA ILE A 395 -18.49 -11.53 -14.95
C ILE A 395 -19.08 -10.28 -15.60
N ALA A 396 -18.96 -9.11 -14.95
CA ALA A 396 -19.61 -7.91 -15.46
C ALA A 396 -18.63 -6.91 -16.06
N GLY A 397 -17.35 -7.24 -16.06
CA GLY A 397 -16.32 -6.29 -16.45
C GLY A 397 -14.93 -6.90 -16.29
N PRO A 398 -13.85 -6.22 -16.76
CA PRO A 398 -12.52 -6.80 -16.69
C PRO A 398 -12.13 -7.18 -15.25
N VAL A 399 -11.49 -8.33 -15.10
CA VAL A 399 -10.97 -8.73 -13.81
C VAL A 399 -9.53 -8.25 -13.71
N HIS A 400 -9.09 -7.98 -12.49
CA HIS A 400 -7.75 -7.45 -12.26
C HIS A 400 -7.12 -8.20 -11.10
N ARG A 401 -5.86 -8.58 -11.29
CA ARG A 401 -5.05 -9.23 -10.27
C ARG A 401 -4.33 -8.18 -9.45
N HIS A 402 -4.03 -8.50 -8.17
CA HIS A 402 -3.14 -7.71 -7.36
C HIS A 402 -1.89 -8.56 -7.22
N LEU A 403 -0.76 -8.07 -7.74
CA LEU A 403 0.47 -8.83 -7.76
C LEU A 403 1.04 -8.98 -6.34
N ASN A 404 1.47 -10.21 -6.04
CA ASN A 404 2.11 -10.51 -4.77
C ASN A 404 3.10 -11.63 -5.04
N ASN A 405 4.24 -11.62 -4.35
CA ASN A 405 5.26 -12.62 -4.59
C ASN A 405 4.78 -14.04 -4.31
N THR A 406 3.86 -14.25 -3.34
CA THR A 406 3.54 -15.60 -2.91
C THR A 406 2.02 -15.84 -2.92
N LEU A 407 1.17 -14.80 -2.88
CA LEU A 407 -0.25 -14.96 -2.74
C LEU A 407 -0.92 -14.47 -4.02
N ARG A 408 -1.61 -15.38 -4.72
CA ARG A 408 -2.39 -15.00 -5.90
C ARG A 408 -3.54 -14.17 -5.33
N SER A 409 -3.59 -12.88 -5.69
CA SER A 409 -4.50 -11.93 -5.05
C SER A 409 -5.36 -11.29 -6.11
N TRP A 410 -6.63 -11.09 -5.73
CA TRP A 410 -7.64 -10.58 -6.63
C TRP A 410 -7.89 -9.13 -6.30
N GLU A 411 -7.85 -8.27 -7.32
CA GLU A 411 -8.08 -6.86 -7.02
C GLU A 411 -9.55 -6.52 -7.26
N SER A 412 -10.04 -6.92 -8.42
CA SER A 412 -11.40 -6.60 -8.80
C SER A 412 -11.97 -7.74 -9.64
N VAL A 413 -13.24 -8.07 -9.34
CA VAL A 413 -14.00 -9.09 -10.04
C VAL A 413 -15.42 -8.56 -10.09
N PRO A 414 -15.66 -7.69 -11.09
CA PRO A 414 -16.99 -7.16 -11.31
C PRO A 414 -17.91 -8.29 -11.70
N VAL A 415 -19.07 -8.32 -11.03
CA VAL A 415 -20.03 -9.36 -11.31
C VAL A 415 -21.39 -8.69 -11.42
N LYS A 416 -22.27 -9.36 -12.14
CA LYS A 416 -23.67 -9.00 -12.16
C LYS A 416 -24.47 -10.26 -11.82
N VAL A 417 -25.48 -10.07 -11.00
CA VAL A 417 -26.30 -11.20 -10.57
C VAL A 417 -27.69 -10.99 -11.14
N ARG A 418 -28.37 -12.13 -11.39
CA ARG A 418 -29.79 -12.20 -11.70
C ARG A 418 -30.50 -12.79 -10.49
N LEU A 419 -31.55 -12.10 -10.03
CA LEU A 419 -32.31 -12.57 -8.89
C LEU A 419 -33.42 -13.51 -9.39
N PRO A 420 -33.90 -14.44 -8.53
CA PRO A 420 -34.98 -15.33 -8.92
C PRO A 420 -36.21 -14.59 -9.39
N ALA B 27 -22.28 12.65 20.35
CA ALA B 27 -21.25 11.63 20.67
C ALA B 27 -19.86 12.14 20.29
N LEU B 28 -19.69 12.48 19.01
CA LEU B 28 -18.39 12.91 18.50
C LEU B 28 -18.04 14.31 18.99
N PRO B 29 -16.76 14.65 19.20
CA PRO B 29 -16.36 16.05 19.20
C PRO B 29 -16.78 16.76 17.92
N VAL B 30 -17.28 17.98 18.07
CA VAL B 30 -17.75 18.79 16.99
C VAL B 30 -16.99 20.09 17.03
N SER B 31 -16.87 20.78 15.89
CA SER B 31 -16.25 22.09 15.88
C SER B 31 -16.83 22.94 14.76
N ASP B 32 -16.92 24.27 15.00
CA ASP B 32 -17.19 25.24 13.94
C ASP B 32 -15.88 25.74 13.35
N ALA B 33 -14.75 25.14 13.76
CA ALA B 33 -13.47 25.54 13.19
C ALA B 33 -13.52 25.40 11.66
N ASP B 34 -12.90 26.37 10.97
CA ASP B 34 -12.83 26.47 9.54
C ASP B 34 -11.35 26.35 9.15
N PRO B 35 -10.89 25.14 8.78
CA PRO B 35 -9.48 24.93 8.46
C PRO B 35 -9.01 25.76 7.26
N PHE B 36 -9.95 26.39 6.55
CA PHE B 36 -9.66 27.15 5.35
C PHE B 36 -9.88 28.65 5.57
N ALA B 37 -10.15 29.06 6.82
CA ALA B 37 -10.17 30.48 7.14
C ALA B 37 -8.75 31.05 7.11
N LEU B 38 -8.65 32.33 6.74
CA LEU B 38 -7.36 33.00 6.57
C LEU B 38 -6.54 32.98 7.86
N ASP B 39 -7.23 33.13 8.99
CA ASP B 39 -6.62 33.06 10.31
C ASP B 39 -5.83 31.76 10.46
N VAL B 40 -6.53 30.64 10.22
CA VAL B 40 -5.97 29.32 10.41
C VAL B 40 -4.89 29.07 9.33
N LEU B 41 -5.18 29.48 8.11
CA LEU B 41 -4.20 29.26 7.04
C LEU B 41 -2.91 30.03 7.31
N GLN B 42 -3.02 31.24 7.88
CA GLN B 42 -1.84 32.03 8.22
C GLN B 42 -1.01 31.30 9.27
N ASP B 43 -1.66 30.79 10.30
CA ASP B 43 -1.01 30.01 11.33
C ASP B 43 -1.90 28.85 11.75
N PRO B 44 -1.71 27.64 11.18
CA PRO B 44 -2.59 26.52 11.45
C PRO B 44 -2.22 25.71 12.69
N LEU B 45 -1.11 26.05 13.35
CA LEU B 45 -0.63 25.31 14.50
C LEU B 45 -1.66 25.28 15.64
N PRO B 46 -2.30 26.40 16.04
CA PRO B 46 -3.32 26.34 17.08
C PRO B 46 -4.46 25.36 16.80
N PHE B 47 -4.95 25.35 15.55
CA PHE B 47 -6.02 24.47 15.13
C PHE B 47 -5.55 23.03 15.20
N GLN B 48 -4.31 22.80 14.78
CA GLN B 48 -3.79 21.45 14.76
C GLN B 48 -3.84 20.88 16.18
N ALA B 49 -3.39 21.66 17.17
CA ALA B 49 -3.34 21.16 18.54
C ALA B 49 -4.75 20.98 19.10
N ASN B 50 -5.70 21.84 18.73
CA ASN B 50 -7.08 21.67 19.15
C ASN B 50 -7.71 20.44 18.51
N LEU B 51 -7.31 20.14 17.27
CA LEU B 51 -7.85 19.02 16.51
C LEU B 51 -7.35 17.73 17.16
N ARG B 52 -6.05 17.65 17.44
CA ARG B 52 -5.45 16.47 18.02
C ARG B 52 -5.99 16.26 19.44
N ASP B 53 -6.27 17.34 20.15
CA ASP B 53 -6.58 17.22 21.56
C ASP B 53 -8.04 16.85 21.73
N ALA B 54 -8.89 17.22 20.78
CA ALA B 54 -10.33 17.06 20.96
C ALA B 54 -10.74 15.59 20.95
N GLY B 55 -10.09 14.81 20.08
CA GLY B 55 -10.49 13.43 19.82
C GLY B 55 -9.81 12.88 18.58
N PRO B 56 -9.83 11.55 18.32
CA PRO B 56 -9.28 11.04 17.08
C PRO B 56 -10.06 11.55 15.87
N VAL B 57 -11.35 11.79 16.07
CA VAL B 57 -12.20 12.27 15.01
C VAL B 57 -13.00 13.46 15.54
N VAL B 58 -13.10 14.47 14.68
CA VAL B 58 -13.78 15.70 15.04
C VAL B 58 -14.67 16.11 13.88
N TYR B 59 -15.97 16.26 14.15
CA TYR B 59 -16.89 16.58 13.09
C TYR B 59 -16.83 18.09 12.90
N LEU B 60 -16.52 18.51 11.66
CA LEU B 60 -16.46 19.91 11.31
C LEU B 60 -17.81 20.32 10.74
N ARG B 61 -18.66 20.90 11.60
CA ARG B 61 -20.03 21.27 11.24
C ARG B 61 -20.11 22.14 9.98
N ARG B 62 -19.03 22.87 9.68
CA ARG B 62 -19.07 23.83 8.61
C ARG B 62 -19.14 23.10 7.28
N TYR B 63 -18.49 21.93 7.21
CA TYR B 63 -18.30 21.28 5.94
C TYR B 63 -18.99 19.93 5.92
N ASP B 64 -19.54 19.49 7.06
CA ASP B 64 -20.14 18.17 7.15
C ASP B 64 -19.08 17.12 6.84
N VAL B 65 -17.85 17.32 7.32
CA VAL B 65 -16.83 16.32 7.09
C VAL B 65 -16.18 15.90 8.40
N PHE B 66 -15.44 14.78 8.37
CA PHE B 66 -14.88 14.24 9.59
C PHE B 66 -13.36 14.49 9.58
N ALA B 67 -12.86 15.24 10.58
CA ALA B 67 -11.44 15.60 10.64
C ALA B 67 -10.61 14.65 11.50
N LEU B 68 -9.40 14.36 10.99
CA LEU B 68 -8.42 13.51 11.63
C LEU B 68 -7.12 14.30 11.72
N GLY B 69 -6.56 14.42 12.94
CA GLY B 69 -5.32 15.18 13.11
C GLY B 69 -4.21 14.40 13.76
N ARG B 70 -4.52 13.27 14.42
CA ARG B 70 -3.50 12.43 15.01
C ARG B 70 -2.88 11.50 13.97
N TYR B 71 -1.60 11.17 14.18
CA TYR B 71 -0.84 10.34 13.27
C TYR B 71 -1.53 8.99 13.09
N GLU B 72 -2.06 8.40 14.17
CA GLU B 72 -2.56 7.04 14.09
C GLU B 72 -3.69 6.97 13.06
N GLN B 73 -4.65 7.90 13.14
CA GLN B 73 -5.80 7.79 12.26
C GLN B 73 -5.48 8.30 10.85
N VAL B 74 -4.56 9.24 10.76
CA VAL B 74 -4.26 9.87 9.48
C VAL B 74 -3.57 8.80 8.64
N HIS B 75 -2.66 8.09 9.27
CA HIS B 75 -1.97 6.97 8.64
C HIS B 75 -2.98 5.89 8.21
N ALA B 76 -3.93 5.54 9.10
CA ALA B 76 -5.04 4.63 8.81
C ALA B 76 -5.86 5.07 7.62
N ALA B 77 -6.35 6.31 7.66
CA ALA B 77 -7.16 6.84 6.57
C ALA B 77 -6.41 6.78 5.24
N LEU B 78 -5.12 7.15 5.24
CA LEU B 78 -4.36 7.26 4.01
C LEU B 78 -4.23 5.91 3.31
N THR B 79 -3.91 4.87 4.09
CA THR B 79 -3.66 3.53 3.59
C THR B 79 -4.94 2.82 3.12
N ASP B 80 -6.06 3.08 3.76
CA ASP B 80 -7.25 2.27 3.60
C ASP B 80 -8.03 2.78 2.38
N TRP B 81 -7.47 2.53 1.18
CA TRP B 81 -8.13 2.97 -0.04
C TRP B 81 -9.47 2.28 -0.29
N GLN B 82 -9.69 1.07 0.24
CA GLN B 82 -10.96 0.37 0.04
C GLN B 82 -12.10 1.11 0.75
N SER B 83 -11.83 1.69 1.93
CA SER B 83 -12.87 2.36 2.69
C SER B 83 -12.94 3.84 2.32
N PHE B 84 -11.77 4.41 2.03
CA PHE B 84 -11.57 5.84 1.86
C PHE B 84 -11.00 6.08 0.47
N GLN B 85 -11.93 6.36 -0.43
CA GLN B 85 -11.63 6.38 -1.85
C GLN B 85 -11.20 7.79 -2.26
N SER B 86 -10.54 7.83 -3.42
CA SER B 86 -10.04 9.05 -4.06
C SER B 86 -10.83 9.50 -5.29
N ALA B 87 -11.61 8.61 -5.90
CA ALA B 87 -12.13 8.90 -7.23
C ALA B 87 -13.28 9.87 -7.18
N ALA B 88 -13.92 9.95 -6.00
CA ALA B 88 -14.91 10.99 -5.72
C ALA B 88 -14.26 12.33 -5.36
N GLY B 89 -12.93 12.38 -5.40
CA GLY B 89 -12.16 13.60 -5.23
C GLY B 89 -11.41 13.63 -3.89
N VAL B 90 -10.14 14.09 -3.88
CA VAL B 90 -9.41 14.27 -2.64
C VAL B 90 -9.48 15.72 -2.15
N GLY B 91 -10.27 16.54 -2.83
CA GLY B 91 -10.65 17.85 -2.35
C GLY B 91 -12.00 17.79 -1.60
N LEU B 92 -12.49 18.95 -1.18
CA LEU B 92 -13.79 19.07 -0.56
C LEU B 92 -14.89 18.70 -1.55
N SER B 93 -14.72 19.12 -2.81
CA SER B 93 -15.75 18.87 -3.80
C SER B 93 -15.91 17.36 -3.96
N ASN B 94 -17.16 16.93 -3.99
CA ASN B 94 -17.54 15.55 -4.16
C ASN B 94 -17.90 15.30 -5.63
N PHE B 95 -17.13 14.45 -6.31
CA PHE B 95 -17.28 14.28 -7.75
C PHE B 95 -18.47 13.41 -8.09
N ARG B 96 -19.11 12.82 -7.07
CA ARG B 96 -20.41 12.21 -7.27
C ARG B 96 -21.38 13.24 -7.84
N TYR B 97 -21.28 14.50 -7.39
CA TYR B 97 -22.30 15.50 -7.66
C TYR B 97 -21.75 16.74 -8.38
N GLU B 98 -20.51 17.13 -8.06
CA GLU B 98 -19.98 18.45 -8.39
C GLU B 98 -19.05 18.34 -9.60
N THR B 99 -19.11 19.33 -10.49
CA THR B 99 -18.30 19.33 -11.71
C THR B 99 -16.85 19.65 -11.36
N PRO B 100 -15.83 18.85 -11.71
CA PRO B 100 -14.47 19.28 -11.44
C PRO B 100 -14.07 20.47 -12.30
N TRP B 101 -13.06 21.22 -11.82
CA TRP B 101 -12.54 22.36 -12.53
C TRP B 101 -11.76 21.91 -13.77
N ARG B 102 -11.21 20.70 -13.70
CA ARG B 102 -10.51 20.09 -14.81
C ARG B 102 -10.79 18.58 -14.78
N PRO B 103 -10.53 17.82 -15.86
CA PRO B 103 -10.61 16.35 -15.79
C PRO B 103 -9.71 15.85 -14.66
N PRO B 104 -10.24 15.12 -13.64
CA PRO B 104 -9.43 14.72 -12.50
C PRO B 104 -8.23 13.87 -12.88
N SER B 105 -7.20 13.99 -12.06
CA SER B 105 -5.98 13.25 -12.22
C SER B 105 -6.28 11.75 -12.23
N ILE B 106 -5.61 11.08 -13.15
CA ILE B 106 -5.73 9.63 -13.29
C ILE B 106 -4.74 8.95 -12.37
N LEU B 107 -4.02 9.74 -11.60
CA LEU B 107 -3.27 9.16 -10.48
C LEU B 107 -3.99 9.47 -9.17
N LEU B 108 -4.09 10.79 -8.84
CA LEU B 108 -4.51 11.25 -7.53
C LEU B 108 -5.98 10.96 -7.22
N GLU B 109 -6.83 11.01 -8.24
CA GLU B 109 -8.26 10.85 -8.09
C GLU B 109 -8.75 9.65 -8.87
N ALA B 110 -7.98 8.57 -8.79
CA ALA B 110 -8.29 7.28 -9.37
C ALA B 110 -8.10 6.24 -8.27
N ASP B 111 -9.02 5.28 -8.18
CA ASP B 111 -8.90 4.15 -7.28
C ASP B 111 -8.35 2.98 -8.05
N PRO B 112 -7.82 1.92 -7.39
CA PRO B 112 -7.64 0.66 -8.10
C PRO B 112 -8.97 0.15 -8.65
N PRO B 113 -9.02 -0.56 -9.81
CA PRO B 113 -7.85 -0.85 -10.64
C PRO B 113 -7.37 0.26 -11.59
N HIS B 114 -8.10 1.38 -11.73
CA HIS B 114 -7.78 2.40 -12.72
C HIS B 114 -6.42 3.06 -12.42
N HIS B 115 -6.08 3.06 -11.13
CA HIS B 115 -4.88 3.71 -10.65
C HIS B 115 -3.63 2.95 -11.05
N ASP B 116 -3.75 1.63 -11.21
CA ASP B 116 -2.61 0.74 -11.09
C ASP B 116 -1.56 1.03 -12.17
N ALA B 117 -2.04 1.17 -13.41
CA ALA B 117 -1.12 1.23 -14.54
C ALA B 117 -0.36 2.56 -14.53
N PRO B 118 -1.04 3.74 -14.44
CA PRO B 118 -0.31 5.00 -14.46
C PRO B 118 0.65 5.13 -13.27
N ARG B 119 0.25 4.58 -12.13
CA ARG B 119 1.09 4.61 -10.96
C ARG B 119 2.38 3.81 -11.22
N ALA B 120 2.22 2.63 -11.80
CA ALA B 120 3.36 1.76 -12.04
C ALA B 120 4.32 2.39 -13.04
N VAL B 121 3.81 3.12 -14.03
CA VAL B 121 4.66 3.83 -14.98
C VAL B 121 5.49 4.91 -14.28
N LEU B 122 4.86 5.82 -13.51
CA LEU B 122 5.59 6.85 -12.78
C LEU B 122 6.54 6.25 -11.74
N SER B 123 6.11 5.18 -11.08
CA SER B 123 6.93 4.54 -10.09
C SER B 123 8.31 4.22 -10.69
N LYS B 124 8.34 3.64 -11.90
CA LYS B 124 9.60 3.27 -12.53
C LYS B 124 10.38 4.50 -12.98
N ILE B 125 9.70 5.41 -13.66
CA ILE B 125 10.30 6.59 -14.27
C ILE B 125 10.93 7.50 -13.21
N LEU B 126 10.31 7.56 -12.00
CA LEU B 126 10.74 8.47 -10.96
C LEU B 126 11.38 7.75 -9.80
N GLY B 127 11.77 6.51 -10.05
CA GLY B 127 12.41 5.73 -9.01
C GLY B 127 13.88 6.11 -8.81
N PRO B 128 14.48 5.69 -7.66
CA PRO B 128 15.84 6.07 -7.29
C PRO B 128 16.88 5.76 -8.34
N ARG B 129 16.80 4.54 -8.90
CA ARG B 129 17.78 4.04 -9.84
C ARG B 129 17.71 4.93 -11.07
N ALA B 130 16.48 5.18 -11.53
CA ALA B 130 16.24 5.93 -12.76
C ALA B 130 16.75 7.37 -12.65
N LEU B 131 16.69 7.94 -11.43
CA LEU B 131 17.02 9.33 -11.19
C LEU B 131 18.52 9.53 -11.04
N GLN B 132 19.24 8.50 -10.57
CA GLN B 132 20.68 8.53 -10.41
C GLN B 132 21.32 9.28 -11.58
N LYS B 133 20.88 8.93 -12.79
CA LYS B 133 21.33 9.53 -14.02
C LYS B 133 21.25 11.05 -13.98
N LEU B 134 20.44 11.61 -13.09
CA LEU B 134 20.20 13.05 -13.11
C LEU B 134 20.90 13.74 -11.93
N ARG B 135 21.51 12.95 -11.04
CA ARG B 135 22.04 13.48 -9.79
C ARG B 135 23.17 14.47 -10.09
N ALA B 136 24.19 14.06 -10.85
CA ALA B 136 25.29 14.96 -11.18
C ALA B 136 24.79 16.22 -11.88
N ALA B 137 23.84 16.06 -12.80
CA ALA B 137 23.39 17.17 -13.63
C ALA B 137 22.70 18.21 -12.76
N TRP B 138 21.91 17.74 -11.78
CA TRP B 138 21.19 18.59 -10.86
C TRP B 138 22.13 19.28 -9.86
N ILE B 139 23.12 18.57 -9.35
CA ILE B 139 24.15 19.16 -8.51
C ILE B 139 24.88 20.26 -9.26
N GLN B 140 25.24 20.00 -10.51
CA GLN B 140 25.94 21.00 -11.30
C GLN B 140 25.04 22.19 -11.56
N ASP B 141 23.76 21.93 -11.88
CA ASP B 141 22.83 23.01 -12.20
C ASP B 141 22.62 23.89 -10.96
N ALA B 142 22.49 23.26 -9.78
CA ALA B 142 22.39 23.93 -8.49
C ALA B 142 23.62 24.81 -8.24
N GLU B 143 24.81 24.26 -8.49
CA GLU B 143 26.06 25.00 -8.37
C GLU B 143 26.04 26.25 -9.27
N ALA B 144 25.64 26.10 -10.53
CA ALA B 144 25.60 27.22 -11.47
C ALA B 144 24.60 28.26 -10.99
N LEU B 145 23.39 27.83 -10.63
CA LEU B 145 22.35 28.72 -10.14
C LEU B 145 22.87 29.51 -8.95
N VAL B 146 23.46 28.83 -7.97
CA VAL B 146 23.90 29.52 -6.76
C VAL B 146 25.04 30.47 -7.09
N ASP B 147 25.99 29.98 -7.90
CA ASP B 147 27.15 30.79 -8.26
C ASP B 147 26.70 32.08 -8.95
N GLN B 148 25.76 31.96 -9.89
CA GLN B 148 25.23 33.11 -10.58
C GLN B 148 24.48 34.04 -9.64
N LEU B 149 23.68 33.49 -8.72
CA LEU B 149 22.93 34.28 -7.77
C LEU B 149 23.91 35.12 -6.94
N LEU B 150 24.89 34.46 -6.31
CA LEU B 150 25.80 35.16 -5.40
C LEU B 150 26.71 36.14 -6.14
N ALA B 151 27.10 35.88 -7.38
CA ALA B 151 27.78 36.89 -8.18
C ALA B 151 26.90 38.13 -8.36
N ASN B 152 25.57 37.95 -8.43
CA ASN B 152 24.70 39.08 -8.62
C ASN B 152 24.50 39.83 -7.31
N THR B 153 24.29 39.11 -6.20
CA THR B 153 23.84 39.79 -4.99
C THR B 153 24.05 38.88 -3.78
N THR B 154 24.23 39.47 -2.60
CA THR B 154 24.25 38.66 -1.39
C THR B 154 22.94 38.87 -0.62
N GLU B 155 22.01 39.58 -1.27
CA GLU B 155 20.75 39.93 -0.64
C GLU B 155 19.69 39.58 -1.67
N PHE B 156 18.90 38.54 -1.36
CA PHE B 156 17.93 38.02 -2.35
C PHE B 156 16.75 37.40 -1.64
N ASP B 157 15.72 37.07 -2.44
CA ASP B 157 14.56 36.33 -1.95
C ASP B 157 14.82 34.82 -2.04
N ALA B 158 14.90 34.13 -0.88
CA ALA B 158 15.08 32.68 -0.83
C ALA B 158 13.96 31.95 -1.58
N VAL B 159 12.78 32.56 -1.65
CA VAL B 159 11.72 31.97 -2.45
C VAL B 159 12.02 32.19 -3.93
N THR B 160 11.88 33.43 -4.42
CA THR B 160 11.99 33.75 -5.84
C THR B 160 13.26 33.17 -6.44
N ASP B 161 14.40 33.27 -5.74
CA ASP B 161 15.71 33.18 -6.36
C ASP B 161 16.37 31.83 -6.07
N LEU B 162 15.83 31.04 -5.15
CA LEU B 162 16.29 29.67 -4.94
C LEU B 162 15.13 28.67 -5.02
N ALA B 163 14.18 28.78 -4.11
CA ALA B 163 13.20 27.74 -3.89
C ALA B 163 12.37 27.55 -5.14
N ALA B 164 11.94 28.67 -5.73
CA ALA B 164 11.18 28.66 -6.98
C ALA B 164 12.14 28.53 -8.16
N ALA B 165 13.25 29.27 -8.14
CA ALA B 165 14.13 29.28 -9.31
C ALA B 165 14.68 27.88 -9.59
N PHE B 166 15.12 27.13 -8.57
CA PHE B 166 15.83 25.90 -8.86
C PHE B 166 14.91 24.84 -9.48
N PRO B 167 13.73 24.51 -8.91
CA PRO B 167 12.80 23.59 -9.53
C PRO B 167 12.42 23.96 -10.96
N LEU B 168 12.18 25.24 -11.22
CA LEU B 168 11.69 25.67 -12.53
C LEU B 168 12.74 25.45 -13.59
N ARG B 169 14.01 25.31 -13.22
CA ARG B 169 15.02 24.97 -14.20
C ARG B 169 14.94 23.46 -14.43
N VAL B 170 15.35 22.72 -13.40
CA VAL B 170 15.72 21.33 -13.55
C VAL B 170 14.48 20.47 -13.81
N PHE B 171 13.35 20.79 -13.18
CA PHE B 171 12.26 19.83 -13.23
C PHE B 171 11.57 19.89 -14.57
N PRO B 172 11.09 21.04 -15.09
CA PRO B 172 10.55 21.10 -16.45
C PRO B 172 11.50 20.60 -17.53
N ASP B 173 12.81 20.73 -17.30
CA ASP B 173 13.79 20.26 -18.28
C ASP B 173 13.83 18.73 -18.26
N ALA B 174 13.78 18.16 -17.07
CA ALA B 174 13.80 16.70 -16.95
C ALA B 174 12.47 16.09 -17.39
N VAL B 175 11.37 16.86 -17.34
CA VAL B 175 10.10 16.41 -17.92
C VAL B 175 10.27 16.45 -19.45
N GLY B 176 10.86 17.55 -19.92
CA GLY B 176 11.18 17.73 -21.32
C GLY B 176 10.20 18.66 -22.01
N ILE B 177 9.63 19.62 -21.27
CA ILE B 177 8.75 20.58 -21.90
C ILE B 177 9.62 21.75 -22.37
N PRO B 178 9.08 22.63 -23.23
CA PRO B 178 9.76 23.86 -23.61
C PRO B 178 10.01 24.85 -22.46
N ASP B 179 10.88 25.83 -22.72
CA ASP B 179 11.16 26.88 -21.76
C ASP B 179 10.04 27.91 -21.80
N ALA B 180 9.36 28.03 -22.94
CA ALA B 180 8.33 29.03 -23.12
C ALA B 180 7.12 28.74 -22.23
N GLY B 181 6.83 29.67 -21.32
CA GLY B 181 5.57 29.67 -20.60
C GLY B 181 5.68 28.96 -19.26
N ARG B 182 6.90 28.68 -18.80
CA ARG B 182 7.09 28.03 -17.52
C ARG B 182 6.57 28.91 -16.39
N GLU B 183 6.28 30.19 -16.69
CA GLU B 183 5.72 31.10 -15.70
C GLU B 183 4.30 30.66 -15.35
N ASN B 184 3.71 29.79 -16.20
CA ASN B 184 2.39 29.27 -15.93
C ASN B 184 2.43 28.13 -14.91
N LEU B 185 3.55 27.45 -14.71
CA LEU B 185 3.57 26.26 -13.85
C LEU B 185 3.09 26.56 -12.44
N LEU B 186 3.61 27.67 -11.86
CA LEU B 186 3.42 27.97 -10.46
C LEU B 186 1.96 28.35 -10.21
N PRO B 187 1.37 29.28 -11.01
CA PRO B 187 -0.05 29.58 -10.85
C PRO B 187 -0.99 28.41 -11.09
N TYR B 188 -0.67 27.56 -12.07
CA TYR B 188 -1.48 26.39 -12.35
C TYR B 188 -1.48 25.46 -11.12
N GLY B 189 -0.30 25.19 -10.60
CA GLY B 189 -0.17 24.41 -9.38
C GLY B 189 -1.00 25.01 -8.26
N ASP B 190 -0.85 26.32 -8.07
CA ASP B 190 -1.43 27.00 -6.93
C ASP B 190 -2.93 26.83 -7.01
N HIS B 191 -3.48 26.98 -8.23
CA HIS B 191 -4.91 26.91 -8.47
C HIS B 191 -5.36 25.48 -8.19
N ALA B 192 -4.56 24.53 -8.64
CA ALA B 192 -4.90 23.12 -8.42
C ALA B 192 -5.02 22.80 -6.93
N PHE B 193 -4.08 23.30 -6.11
CA PHE B 193 -4.13 23.06 -4.68
C PHE B 193 -5.20 23.90 -3.98
N ASN B 194 -5.47 25.11 -4.47
CA ASN B 194 -6.59 25.88 -3.93
C ASN B 194 -7.94 25.20 -4.23
N ALA B 195 -8.02 24.50 -5.36
CA ALA B 195 -9.29 23.90 -5.77
C ALA B 195 -9.61 22.68 -4.89
N PHE B 196 -8.66 22.18 -4.09
CA PHE B 196 -8.98 21.11 -3.17
C PHE B 196 -9.78 21.60 -1.97
N GLY B 197 -9.83 22.93 -1.78
CA GLY B 197 -10.52 23.52 -0.64
C GLY B 197 -11.89 24.01 -1.06
N PRO B 198 -12.60 24.78 -0.22
CA PRO B 198 -13.91 25.28 -0.59
C PRO B 198 -13.78 26.43 -1.58
N ALA B 199 -14.91 26.82 -2.15
CA ALA B 199 -14.99 27.97 -3.05
C ALA B 199 -14.89 29.26 -2.25
N ASN B 200 -13.67 29.50 -1.73
CA ASN B 200 -13.37 30.69 -0.96
C ASN B 200 -12.57 31.65 -1.85
N GLY B 201 -12.10 32.77 -1.28
CA GLY B 201 -11.45 33.84 -2.05
C GLY B 201 -10.09 33.44 -2.60
N LEU B 202 -9.57 32.26 -2.17
CA LEU B 202 -8.27 31.80 -2.61
C LEU B 202 -8.39 31.06 -3.94
N VAL B 203 -9.57 30.44 -4.16
CA VAL B 203 -9.81 29.72 -5.40
C VAL B 203 -10.34 30.71 -6.44
N GLU B 204 -11.01 31.77 -5.97
CA GLU B 204 -11.64 32.81 -6.80
C GLU B 204 -10.85 33.01 -8.10
N LYS B 205 -9.52 33.11 -8.02
CA LYS B 205 -8.67 33.23 -9.19
C LYS B 205 -9.10 32.17 -10.21
N GLY B 206 -10.30 32.36 -10.79
CA GLY B 206 -11.03 31.33 -11.53
C GLY B 206 -11.81 31.93 -12.69
N ALA B 207 -11.06 32.39 -13.70
CA ALA B 207 -11.58 33.14 -14.83
C ALA B 207 -11.09 32.50 -16.11
N PRO B 208 -11.37 33.06 -17.32
CA PRO B 208 -10.65 32.69 -18.53
C PRO B 208 -9.16 32.41 -18.33
N ARG B 209 -8.58 32.98 -17.26
CA ARG B 209 -7.19 32.72 -16.88
C ARG B 209 -6.98 31.23 -16.60
N VAL B 210 -7.96 30.56 -15.97
CA VAL B 210 -7.84 29.14 -15.71
C VAL B 210 -7.72 28.40 -17.04
N ALA B 211 -8.63 28.69 -17.99
CA ALA B 211 -8.62 28.02 -19.27
C ALA B 211 -7.26 28.22 -19.96
N GLU B 212 -6.68 29.41 -19.83
CA GLU B 212 -5.39 29.68 -20.45
C GLU B 212 -4.31 28.85 -19.77
N LEU B 213 -4.43 28.66 -18.45
CA LEU B 213 -3.40 27.90 -17.73
C LEU B 213 -3.49 26.43 -18.11
N SER B 214 -4.72 25.93 -18.15
CA SER B 214 -5.03 24.56 -18.54
C SER B 214 -4.56 24.30 -19.97
N GLY B 215 -4.94 25.21 -20.88
CA GLY B 215 -4.54 25.14 -22.27
C GLY B 215 -3.03 24.97 -22.39
N TRP B 216 -2.28 25.81 -21.67
CA TRP B 216 -0.82 25.73 -21.73
C TRP B 216 -0.32 24.38 -21.22
N VAL B 217 -0.81 23.95 -20.05
CA VAL B 217 -0.27 22.74 -19.44
C VAL B 217 -0.61 21.54 -20.33
N ASN B 218 -1.86 21.50 -20.84
CA ASN B 218 -2.31 20.43 -21.72
C ASN B 218 -1.41 20.36 -22.95
N ALA B 219 -1.10 21.54 -23.53
CA ALA B 219 -0.25 21.63 -24.71
C ALA B 219 1.10 21.00 -24.46
N GLN B 220 1.65 21.12 -23.24
CA GLN B 220 2.99 20.63 -22.96
C GLN B 220 3.01 19.09 -22.81
N CYS B 221 1.81 18.48 -22.69
CA CYS B 221 1.70 17.07 -22.40
C CYS B 221 1.77 16.22 -23.69
N ALA B 222 1.50 16.85 -24.83
CA ALA B 222 1.46 16.15 -26.11
C ALA B 222 2.82 15.58 -26.45
N ARG B 223 2.84 14.45 -27.18
CA ARG B 223 4.08 13.76 -27.49
C ARG B 223 5.01 14.69 -28.28
N ASP B 224 4.44 15.50 -29.19
CA ASP B 224 5.30 16.27 -30.09
C ASP B 224 5.86 17.51 -29.40
N ALA B 225 5.36 17.89 -28.20
CA ALA B 225 5.80 19.05 -27.43
C ALA B 225 6.99 18.72 -26.54
N LEU B 226 7.32 17.43 -26.38
CA LEU B 226 8.28 16.99 -25.39
C LEU B 226 9.58 16.63 -26.10
N THR B 227 10.71 16.87 -25.44
CA THR B 227 11.95 16.21 -25.82
C THR B 227 11.76 14.69 -25.85
N GLY B 228 12.73 14.00 -26.44
CA GLY B 228 13.04 12.64 -26.07
C GLY B 228 13.84 12.63 -24.78
N ASP B 229 14.30 11.45 -24.38
CA ASP B 229 15.13 11.22 -23.21
C ASP B 229 14.37 11.50 -21.89
N GLY B 230 13.51 12.52 -21.80
CA GLY B 230 12.97 12.97 -20.51
C GLY B 230 11.72 12.21 -20.07
N PHE B 231 11.15 12.64 -18.93
CA PHE B 231 10.14 11.84 -18.26
C PHE B 231 8.92 11.74 -19.16
N GLY B 232 8.64 12.83 -19.86
CA GLY B 232 7.51 12.90 -20.76
C GLY B 232 7.64 11.83 -21.85
N ALA B 233 8.81 11.85 -22.50
CA ALA B 233 9.17 10.89 -23.50
C ALA B 233 9.04 9.49 -22.93
N GLN B 234 9.47 9.27 -21.67
CA GLN B 234 9.51 7.92 -21.13
C GLN B 234 8.09 7.43 -20.84
N ILE B 235 7.21 8.37 -20.48
CA ILE B 235 5.81 8.05 -20.27
C ILE B 235 5.20 7.59 -21.60
N TRP B 236 5.54 8.28 -22.70
CA TRP B 236 5.00 7.91 -23.99
C TRP B 236 5.55 6.58 -24.46
N ALA B 237 6.80 6.28 -24.16
CA ALA B 237 7.41 5.00 -24.50
C ALA B 237 6.75 3.87 -23.71
N ALA B 238 6.30 4.17 -22.49
CA ALA B 238 5.53 3.21 -21.71
C ALA B 238 4.21 2.92 -22.41
N ALA B 239 3.59 3.93 -23.02
CA ALA B 239 2.34 3.71 -23.73
C ALA B 239 2.55 2.88 -25.00
N ASP B 240 3.69 3.11 -25.65
CA ASP B 240 4.04 2.34 -26.82
C ASP B 240 4.10 0.86 -26.45
N ARG B 241 4.57 0.57 -25.24
CA ARG B 241 4.74 -0.79 -24.80
C ARG B 241 3.46 -1.37 -24.21
N GLY B 242 2.37 -0.59 -24.20
CA GLY B 242 1.10 -1.07 -23.68
C GLY B 242 0.95 -0.98 -22.15
N ASP B 243 1.93 -0.36 -21.45
CA ASP B 243 1.87 -0.21 -20.01
C ASP B 243 0.72 0.71 -19.59
N ILE B 244 0.45 1.71 -20.44
CA ILE B 244 -0.68 2.61 -20.38
C ILE B 244 -1.13 2.88 -21.82
N THR B 245 -2.23 3.63 -22.00
CA THR B 245 -2.74 3.95 -23.32
C THR B 245 -2.23 5.32 -23.75
N TYR B 246 -2.37 5.61 -25.05
CA TYR B 246 -2.01 6.91 -25.60
C TYR B 246 -2.91 7.99 -25.05
N GLU B 247 -4.13 7.63 -24.62
CA GLU B 247 -5.02 8.60 -24.00
C GLU B 247 -4.57 8.91 -22.56
N GLN B 248 -3.99 7.92 -21.87
CA GLN B 248 -3.50 8.14 -20.53
C GLN B 248 -2.19 8.94 -20.54
N ALA B 249 -1.34 8.69 -21.56
CA ALA B 249 0.01 9.25 -21.59
C ALA B 249 0.05 10.74 -21.27
N PRO B 250 -0.71 11.64 -21.95
CA PRO B 250 -0.60 13.06 -21.66
C PRO B 250 -1.06 13.46 -20.26
N LEU B 251 -2.06 12.76 -19.70
CA LEU B 251 -2.55 12.97 -18.36
C LEU B 251 -1.53 12.57 -17.30
N VAL B 252 -0.74 11.53 -17.57
CA VAL B 252 0.37 11.16 -16.69
C VAL B 252 1.44 12.26 -16.70
N VAL B 253 1.67 12.86 -17.88
CA VAL B 253 2.54 14.03 -17.96
C VAL B 253 1.91 15.17 -17.16
N ARG B 254 0.63 15.39 -17.35
CA ARG B 254 -0.07 16.45 -16.65
C ARG B 254 0.09 16.31 -15.13
N SER B 255 0.00 15.08 -14.64
CA SER B 255 0.20 14.77 -13.23
C SER B 255 1.54 15.33 -12.74
N LEU B 256 2.61 15.07 -13.48
CA LEU B 256 3.93 15.55 -13.09
C LEU B 256 3.97 17.07 -13.04
N LEU B 257 3.33 17.72 -14.01
CA LEU B 257 3.35 19.17 -14.07
C LEU B 257 2.45 19.81 -13.03
N THR B 258 1.55 19.05 -12.38
CA THR B 258 0.67 19.59 -11.37
C THR B 258 1.28 19.37 -10.00
N ALA B 259 1.72 18.14 -9.74
CA ALA B 259 2.16 17.72 -8.42
C ALA B 259 3.63 18.10 -8.21
N GLY B 260 4.33 18.37 -9.29
CA GLY B 260 5.79 18.27 -9.23
C GLY B 260 6.47 19.60 -8.95
N VAL B 261 5.79 20.74 -9.15
CA VAL B 261 6.48 22.03 -9.06
C VAL B 261 6.21 22.69 -7.71
N ASP B 262 4.97 23.10 -7.45
CA ASP B 262 4.69 23.95 -6.30
C ASP B 262 5.05 23.28 -4.98
N THR B 263 4.92 21.96 -4.92
CA THR B 263 5.26 21.20 -3.73
C THR B 263 6.72 21.43 -3.38
N THR B 264 7.60 21.19 -4.35
CA THR B 264 9.03 21.22 -4.10
C THR B 264 9.43 22.65 -3.80
N VAL B 265 8.84 23.62 -4.50
CA VAL B 265 9.13 25.02 -4.25
C VAL B 265 8.89 25.33 -2.76
N ASN B 266 7.69 24.99 -2.31
CA ASN B 266 7.28 25.35 -0.98
C ASN B 266 8.06 24.54 0.04
N GLY B 267 8.41 23.30 -0.28
CA GLY B 267 9.24 22.52 0.62
C GLY B 267 10.65 23.10 0.72
N LEU B 268 11.23 23.49 -0.43
CA LEU B 268 12.55 24.09 -0.44
C LEU B 268 12.47 25.43 0.30
N ALA B 269 11.36 26.17 0.15
CA ALA B 269 11.26 27.47 0.82
C ALA B 269 11.25 27.26 2.33
N ALA B 270 10.51 26.24 2.78
CA ALA B 270 10.44 25.87 4.19
C ALA B 270 11.82 25.47 4.71
N VAL B 271 12.61 24.73 3.94
CA VAL B 271 13.87 24.29 4.53
C VAL B 271 14.84 25.49 4.58
N LEU B 272 14.77 26.37 3.58
CA LEU B 272 15.61 27.57 3.56
C LEU B 272 15.22 28.54 4.68
N TYR B 273 13.91 28.62 4.92
CA TYR B 273 13.37 29.42 6.00
C TYR B 273 13.88 28.86 7.33
N ALA B 274 13.87 27.54 7.48
CA ALA B 274 14.31 26.95 8.73
C ALA B 274 15.76 27.31 8.97
N PHE B 275 16.57 27.19 7.92
CA PHE B 275 17.99 27.42 8.05
C PHE B 275 18.23 28.90 8.32
N ALA B 276 17.53 29.78 7.62
CA ALA B 276 17.76 31.22 7.81
C ALA B 276 17.45 31.66 9.23
N THR B 277 16.52 30.96 9.91
CA THR B 277 16.12 31.33 11.25
C THR B 277 16.80 30.46 12.30
N HIS B 278 17.58 29.45 11.90
CA HIS B 278 18.25 28.56 12.84
C HIS B 278 19.72 28.44 12.44
N PRO B 279 20.55 29.46 12.77
CA PRO B 279 21.95 29.47 12.37
C PRO B 279 22.69 28.23 12.82
N ASP B 280 22.27 27.66 13.96
CA ASP B 280 22.83 26.41 14.46
C ASP B 280 22.61 25.29 13.46
N GLN B 281 21.38 25.18 12.93
CA GLN B 281 21.04 24.11 12.00
C GLN B 281 21.82 24.25 10.70
N TRP B 282 21.95 25.49 10.23
CA TRP B 282 22.75 25.81 9.05
C TRP B 282 24.20 25.41 9.27
N ALA B 283 24.79 25.80 10.40
CA ALA B 283 26.17 25.42 10.67
C ALA B 283 26.31 23.89 10.73
N ARG B 284 25.29 23.17 11.23
CA ARG B 284 25.38 21.70 11.31
C ARG B 284 25.41 21.11 9.91
N LEU B 285 24.60 21.66 9.01
CA LEU B 285 24.57 21.17 7.63
C LEU B 285 25.96 21.34 7.04
N ARG B 286 26.53 22.53 7.22
CA ARG B 286 27.84 22.84 6.67
C ARG B 286 28.91 21.89 7.21
N GLU B 287 28.73 21.43 8.45
CA GLU B 287 29.73 20.55 9.06
C GLU B 287 29.58 19.11 8.57
N ASN B 288 28.42 18.71 8.03
CA ASN B 288 28.21 17.37 7.50
C ASN B 288 27.26 17.43 6.30
N ARG B 289 27.83 17.47 5.09
CA ARG B 289 27.14 17.52 3.80
C ARG B 289 25.96 16.54 3.68
N THR B 290 26.10 15.36 4.28
CA THR B 290 25.16 14.26 4.08
C THR B 290 23.85 14.50 4.84
N LEU B 291 23.85 15.45 5.79
CA LEU B 291 22.62 15.89 6.44
C LEU B 291 21.63 16.54 5.47
N ALA B 292 22.05 16.96 4.28
CA ALA B 292 21.14 17.46 3.27
C ALA B 292 19.83 16.67 3.19
N ARG B 293 19.90 15.33 2.98
CA ARG B 293 18.69 14.59 2.63
C ARG B 293 17.77 14.54 3.85
N THR B 294 18.34 14.19 5.00
CA THR B 294 17.53 14.19 6.21
C THR B 294 16.95 15.57 6.43
N ALA B 295 17.69 16.64 6.04
CA ALA B 295 17.18 17.98 6.23
C ALA B 295 15.85 18.14 5.51
N PHE B 296 15.77 17.74 4.24
CA PHE B 296 14.57 18.01 3.47
C PHE B 296 13.36 17.27 4.03
N ASP B 297 13.57 16.03 4.47
N ASP B 297 13.64 16.04 4.45
CA ASP B 297 12.44 15.23 4.92
CA ASP B 297 12.63 15.17 5.00
C ASP B 297 11.98 15.68 6.32
C ASP B 297 11.99 15.81 6.25
N GLU B 298 12.85 16.37 7.08
CA GLU B 298 12.43 16.99 8.34
C GLU B 298 11.63 18.24 7.99
N ALA B 299 12.09 18.95 6.97
CA ALA B 299 11.34 20.12 6.51
C ALA B 299 9.93 19.72 6.09
N VAL B 300 9.82 18.59 5.39
CA VAL B 300 8.52 18.09 4.93
C VAL B 300 7.66 17.70 6.13
N ARG B 301 8.21 16.96 7.11
CA ARG B 301 7.45 16.68 8.32
C ARG B 301 6.98 17.97 8.99
N TRP B 302 7.94 18.86 9.30
CA TRP B 302 7.81 20.02 10.17
C TRP B 302 6.92 21.07 9.53
N GLU B 303 7.07 21.32 8.24
CA GLU B 303 6.24 22.28 7.53
C GLU B 303 4.94 21.64 6.98
N SER B 304 5.09 20.40 6.46
CA SER B 304 4.02 19.66 5.76
C SER B 304 3.44 20.52 4.67
N PRO B 305 4.25 20.81 3.64
CA PRO B 305 3.82 21.65 2.52
C PRO B 305 2.43 21.26 2.01
N VAL B 306 2.17 19.95 1.94
CA VAL B 306 0.81 19.49 1.69
C VAL B 306 0.15 19.24 3.04
N GLN B 307 -0.77 20.12 3.39
CA GLN B 307 -1.35 20.16 4.73
C GLN B 307 -2.51 19.19 4.90
N THR B 308 -3.39 19.11 3.89
CA THR B 308 -4.64 18.37 4.01
C THR B 308 -5.02 17.70 2.68
N PHE B 309 -5.64 16.52 2.82
CA PHE B 309 -6.33 15.85 1.73
C PHE B 309 -7.62 15.23 2.26
N PHE B 310 -8.57 15.04 1.33
CA PHE B 310 -9.84 14.39 1.63
C PHE B 310 -9.83 12.98 1.06
N ARG B 311 -10.76 12.16 1.57
CA ARG B 311 -11.19 10.91 0.99
C ARG B 311 -12.69 10.85 1.16
N THR B 312 -13.35 9.93 0.43
CA THR B 312 -14.77 9.69 0.61
C THR B 312 -14.98 8.25 1.08
N ALA B 313 -15.81 8.08 2.11
CA ALA B 313 -16.11 6.76 2.62
C ALA B 313 -16.95 6.00 1.58
N THR B 314 -16.55 4.77 1.29
CA THR B 314 -17.25 3.95 0.31
C THR B 314 -18.35 3.13 0.98
N ARG B 315 -18.34 3.11 2.30
CA ARG B 315 -19.27 2.39 3.15
C ARG B 315 -19.10 2.97 4.56
N ASP B 316 -20.08 2.72 5.40
CA ASP B 316 -19.90 2.95 6.83
C ASP B 316 -18.57 2.34 7.25
N THR B 317 -17.71 3.14 7.88
CA THR B 317 -16.34 2.76 8.16
C THR B 317 -15.95 3.24 9.53
N GLU B 318 -15.34 2.37 10.33
CA GLU B 318 -14.91 2.73 11.65
C GLU B 318 -13.49 3.26 11.59
N ILE B 319 -13.26 4.43 12.23
CA ILE B 319 -11.91 4.94 12.43
C ILE B 319 -11.89 5.82 13.67
N GLY B 320 -10.86 5.67 14.51
CA GLY B 320 -10.76 6.45 15.73
C GLY B 320 -11.95 6.32 16.69
N GLY B 321 -12.61 5.14 16.72
CA GLY B 321 -13.76 4.91 17.59
C GLY B 321 -15.07 5.43 16.99
N ALA B 322 -15.02 6.09 15.83
CA ALA B 322 -16.19 6.72 15.24
C ALA B 322 -16.59 6.00 13.96
N THR B 323 -17.87 6.03 13.61
N THR B 323 -17.87 6.09 13.59
CA THR B 323 -18.31 5.45 12.36
CA THR B 323 -18.33 5.58 12.31
C THR B 323 -18.55 6.57 11.35
C THR B 323 -18.41 6.74 11.32
N ILE B 324 -17.75 6.57 10.30
N ILE B 324 -17.70 6.60 10.21
CA ILE B 324 -17.90 7.57 9.25
CA ILE B 324 -17.81 7.57 9.14
C ILE B 324 -18.96 7.08 8.28
C ILE B 324 -18.93 7.09 8.23
N PRO B 325 -20.08 7.80 8.08
CA PRO B 325 -21.14 7.32 7.19
C PRO B 325 -20.69 7.22 5.75
N ASP B 326 -21.10 6.11 5.11
CA ASP B 326 -20.95 5.91 3.68
C ASP B 326 -21.26 7.22 2.99
N GLY B 327 -20.37 7.64 2.07
CA GLY B 327 -20.63 8.80 1.25
C GLY B 327 -20.12 10.10 1.88
N LYS B 328 -19.77 10.07 3.17
CA LYS B 328 -19.21 11.26 3.81
C LYS B 328 -17.68 11.31 3.61
N LYS B 329 -17.17 12.54 3.70
CA LYS B 329 -15.77 12.85 3.46
C LYS B 329 -15.04 12.95 4.80
N ILE B 330 -13.81 12.44 4.82
CA ILE B 330 -12.87 12.69 5.90
C ILE B 330 -11.90 13.73 5.36
N LEU B 331 -11.31 14.46 6.34
CA LEU B 331 -10.27 15.45 6.09
C LEU B 331 -9.07 15.05 6.92
N MET B 332 -8.00 14.73 6.21
CA MET B 332 -6.80 14.25 6.88
C MET B 332 -5.80 15.41 6.97
N PHE B 333 -5.34 15.67 8.19
CA PHE B 333 -4.42 16.77 8.49
C PHE B 333 -3.02 16.19 8.59
N LEU B 334 -2.29 16.19 7.46
CA LEU B 334 -0.96 15.62 7.43
C LEU B 334 -0.02 16.41 8.36
N GLY B 335 -0.10 17.76 8.29
CA GLY B 335 0.71 18.63 9.14
C GLY B 335 0.47 18.35 10.62
N ALA B 336 -0.80 18.15 11.01
CA ALA B 336 -1.12 17.82 12.40
C ALA B 336 -0.54 16.46 12.80
N ALA B 337 -0.70 15.45 11.94
CA ALA B 337 -0.17 14.13 12.24
C ALA B 337 1.35 14.17 12.38
N ASN B 338 1.97 15.07 11.61
CA ASN B 338 3.42 15.17 11.56
C ASN B 338 3.96 15.93 12.78
N ARG B 339 3.08 16.53 13.58
CA ARG B 339 3.45 17.23 14.81
C ARG B 339 2.73 16.61 16.01
N ASP B 340 2.24 15.38 15.85
CA ASP B 340 1.50 14.68 16.88
C ASP B 340 2.46 14.19 17.94
N PRO B 341 2.36 14.66 19.21
CA PRO B 341 3.28 14.22 20.24
C PRO B 341 3.18 12.72 20.51
N ARG B 342 2.12 12.05 20.06
CA ARG B 342 2.01 10.60 20.26
C ARG B 342 3.03 9.83 19.42
N ARG B 343 3.53 10.48 18.35
CA ARG B 343 4.40 9.81 17.39
C ARG B 343 5.81 10.41 17.36
N TRP B 344 5.93 11.69 17.73
CA TRP B 344 7.15 12.47 17.54
C TRP B 344 7.58 13.05 18.88
N GLU B 345 8.86 12.96 19.19
CA GLU B 345 9.40 13.68 20.34
C GLU B 345 9.60 15.14 19.97
N ASN B 346 9.02 16.04 20.78
CA ASN B 346 9.29 17.45 20.63
C ASN B 346 9.08 17.84 19.16
N PRO B 347 7.83 17.65 18.67
CA PRO B 347 7.51 17.82 17.26
C PRO B 347 7.59 19.23 16.70
N GLU B 348 7.52 20.27 17.56
CA GLU B 348 7.51 21.64 17.07
C GLU B 348 8.90 21.98 16.52
N VAL B 349 9.92 21.22 16.91
CA VAL B 349 11.30 21.57 16.64
C VAL B 349 11.64 21.09 15.25
N PHE B 350 12.37 21.92 14.50
CA PHE B 350 13.03 21.51 13.26
C PHE B 350 14.39 20.95 13.63
N ASP B 351 14.58 19.64 13.42
CA ASP B 351 15.76 18.97 13.95
C ASP B 351 16.36 18.10 12.86
N LEU B 352 17.53 18.53 12.35
CA LEU B 352 18.36 17.74 11.45
C LEU B 352 18.71 16.41 12.11
N GLY B 353 18.75 16.39 13.43
CA GLY B 353 19.16 15.19 14.14
C GLY B 353 17.99 14.24 14.30
N ARG B 354 16.80 14.64 13.81
CA ARG B 354 15.63 13.79 13.93
C ARG B 354 15.61 12.75 12.80
N ASN B 355 15.23 11.53 13.16
CA ASN B 355 14.84 10.53 12.17
C ASN B 355 13.38 10.74 11.78
N PRO B 356 13.06 11.41 10.65
CA PRO B 356 11.68 11.75 10.33
C PRO B 356 10.93 10.64 9.58
N SER B 357 11.52 9.44 9.56
CA SER B 357 10.99 8.32 8.81
C SER B 357 9.59 7.97 9.29
N GLY B 358 8.67 7.76 8.36
CA GLY B 358 7.34 7.37 8.77
C GLY B 358 6.40 8.58 8.81
N HIS B 359 6.93 9.77 8.56
CA HIS B 359 6.03 10.93 8.45
C HIS B 359 5.04 10.70 7.30
N VAL B 360 3.97 11.48 7.32
CA VAL B 360 2.89 11.40 6.35
C VAL B 360 2.88 12.66 5.48
N GLY B 361 4.00 13.38 5.40
CA GLY B 361 4.10 14.54 4.52
C GLY B 361 3.99 14.20 3.04
N TYR B 362 4.32 12.94 2.68
CA TYR B 362 4.15 12.43 1.31
C TYR B 362 2.95 11.51 1.18
N GLY B 363 2.06 11.50 2.19
CA GLY B 363 0.98 10.55 2.25
C GLY B 363 1.51 9.19 2.69
N MET B 364 0.73 8.15 2.38
CA MET B 364 1.04 6.82 2.84
C MET B 364 0.15 5.83 2.10
N GLY B 365 0.69 4.67 1.75
CA GLY B 365 -0.05 3.70 0.96
C GLY B 365 0.08 3.92 -0.55
N ILE B 366 -0.96 3.50 -1.29
CA ILE B 366 -0.86 3.31 -2.72
C ILE B 366 -0.70 4.64 -3.44
N HIS B 367 -1.19 5.74 -2.83
CA HIS B 367 -1.09 7.05 -3.44
C HIS B 367 0.14 7.81 -2.94
N GLN B 368 0.97 7.19 -2.12
CA GLN B 368 2.08 7.89 -1.50
C GLN B 368 2.96 8.50 -2.58
N CYS B 369 3.34 9.76 -2.37
CA CYS B 369 4.09 10.58 -3.31
C CYS B 369 5.04 9.76 -4.16
N VAL B 370 4.79 9.76 -5.45
CA VAL B 370 5.65 8.99 -6.34
C VAL B 370 6.87 9.85 -6.71
N GLY B 371 6.82 11.15 -6.45
CA GLY B 371 7.89 12.07 -6.79
C GLY B 371 8.88 12.33 -5.66
N GLN B 372 8.87 11.49 -4.64
CA GLN B 372 9.64 11.82 -3.44
C GLN B 372 11.15 11.75 -3.68
N HIS B 373 11.59 10.89 -4.61
CA HIS B 373 13.00 10.78 -4.93
C HIS B 373 13.42 12.01 -5.73
N VAL B 374 12.52 12.49 -6.58
CA VAL B 374 12.77 13.73 -7.26
C VAL B 374 12.97 14.87 -6.25
N ALA B 375 12.00 15.00 -5.34
CA ALA B 375 12.02 16.13 -4.43
C ALA B 375 13.27 16.06 -3.57
N ARG B 376 13.66 14.86 -3.17
CA ARG B 376 14.84 14.73 -2.33
C ARG B 376 16.10 15.16 -3.09
N LEU B 377 16.20 14.72 -4.34
CA LEU B 377 17.40 15.00 -5.10
C LEU B 377 17.51 16.51 -5.38
N GLU B 378 16.38 17.17 -5.65
CA GLU B 378 16.35 18.62 -5.78
C GLU B 378 16.92 19.32 -4.55
N SER B 379 16.37 18.98 -3.36
CA SER B 379 16.85 19.52 -2.10
C SER B 379 18.34 19.24 -1.91
N GLU B 380 18.76 18.01 -2.17
CA GLU B 380 20.15 17.64 -1.95
C GLU B 380 21.08 18.51 -2.82
N ALA B 381 20.72 18.65 -4.09
CA ALA B 381 21.49 19.42 -5.03
C ALA B 381 21.59 20.89 -4.55
N LEU B 382 20.44 21.47 -4.26
CA LEU B 382 20.36 22.87 -3.89
C LEU B 382 21.10 23.15 -2.57
N LEU B 383 20.89 22.31 -1.55
CA LEU B 383 21.53 22.49 -0.26
C LEU B 383 23.03 22.29 -0.34
N THR B 384 23.47 21.28 -1.08
CA THR B 384 24.90 21.06 -1.25
C THR B 384 25.53 22.31 -1.85
N ALA B 385 24.91 22.83 -2.92
CA ALA B 385 25.44 23.99 -3.62
C ALA B 385 25.46 25.21 -2.70
N LEU B 386 24.42 25.35 -1.85
CA LEU B 386 24.27 26.55 -1.06
C LEU B 386 25.27 26.51 0.10
N ALA B 387 25.49 25.31 0.66
CA ALA B 387 26.34 25.12 1.81
C ALA B 387 27.81 25.28 1.42
N SER B 388 28.11 24.89 0.19
CA SER B 388 29.42 25.14 -0.38
C SER B 388 29.79 26.63 -0.35
N ARG B 389 28.87 27.52 -0.72
CA ARG B 389 29.21 28.90 -1.02
C ARG B 389 28.81 29.88 0.09
N VAL B 390 27.89 29.52 1.00
CA VAL B 390 27.37 30.49 1.96
C VAL B 390 27.77 30.07 3.38
N HIS B 391 28.51 30.95 4.07
CA HIS B 391 28.94 30.70 5.44
C HIS B 391 27.74 30.82 6.37
N SER B 392 26.94 31.89 6.14
CA SER B 392 25.82 32.12 7.02
C SER B 392 24.75 32.93 6.30
N LEU B 393 23.58 32.91 6.92
N LEU B 393 23.55 32.87 6.84
CA LEU B 393 22.31 33.24 6.31
CA LEU B 393 22.48 33.60 6.23
C LEU B 393 21.47 33.90 7.40
C LEU B 393 21.46 33.89 7.31
N GLU B 394 20.72 34.96 7.07
CA GLU B 394 19.76 35.48 8.03
C GLU B 394 18.60 36.13 7.27
N ILE B 395 17.46 36.21 7.94
CA ILE B 395 16.30 36.91 7.44
C ILE B 395 16.69 38.38 7.36
N ALA B 396 16.35 39.04 6.24
CA ALA B 396 16.84 40.37 5.96
C ALA B 396 15.66 41.32 5.82
N GLY B 397 14.46 40.81 6.07
CA GLY B 397 13.28 41.58 5.77
C GLY B 397 12.02 40.83 6.16
N PRO B 398 10.84 41.43 5.97
CA PRO B 398 9.59 40.79 6.35
C PRO B 398 9.32 39.57 5.46
N VAL B 399 9.01 38.45 6.10
CA VAL B 399 8.59 37.24 5.44
C VAL B 399 7.07 37.29 5.20
N HIS B 400 6.65 36.81 4.04
CA HIS B 400 5.23 36.70 3.72
C HIS B 400 4.92 35.26 3.33
N ARG B 401 3.97 34.65 4.03
CA ARG B 401 3.34 33.44 3.62
C ARG B 401 2.50 33.71 2.39
N HIS B 402 2.38 32.70 1.52
CA HIS B 402 1.38 32.69 0.47
C HIS B 402 0.27 31.75 0.92
N LEU B 403 -0.91 32.30 1.18
CA LEU B 403 -2.01 31.52 1.72
C LEU B 403 -2.59 30.66 0.59
N ASN B 404 -2.84 29.38 0.91
CA ASN B 404 -3.39 28.39 -0.02
C ASN B 404 -4.23 27.40 0.77
N ASN B 405 -5.34 26.93 0.18
CA ASN B 405 -6.28 26.07 0.90
C ASN B 405 -5.61 24.76 1.36
N THR B 406 -4.61 24.28 0.60
CA THR B 406 -4.02 22.95 0.78
C THR B 406 -2.50 23.00 1.00
N LEU B 407 -1.82 23.95 0.36
CA LEU B 407 -0.36 24.09 0.42
C LEU B 407 0.06 25.10 1.47
N ARG B 408 1.00 24.72 2.33
N ARG B 408 1.10 24.77 2.25
CA ARG B 408 1.81 25.70 3.06
CA ARG B 408 1.77 25.76 3.10
C ARG B 408 2.77 26.29 2.04
C ARG B 408 2.91 26.40 2.31
N SER B 409 2.67 27.60 1.79
CA SER B 409 3.55 28.29 0.85
C SER B 409 4.12 29.57 1.49
N TRP B 410 5.45 29.77 1.35
CA TRP B 410 6.11 31.07 1.47
C TRP B 410 6.04 31.86 0.15
N GLU B 411 5.58 33.13 0.20
CA GLU B 411 5.61 34.08 -0.90
C GLU B 411 6.97 34.79 -0.98
N SER B 412 7.52 35.17 0.18
CA SER B 412 8.74 35.96 0.26
C SER B 412 9.50 35.62 1.53
N VAL B 413 10.80 35.34 1.38
CA VAL B 413 11.70 35.08 2.48
C VAL B 413 12.98 35.85 2.15
N PRO B 414 13.03 37.18 2.40
CA PRO B 414 14.26 37.94 2.15
C PRO B 414 15.37 37.42 3.04
N VAL B 415 16.55 37.21 2.44
CA VAL B 415 17.68 36.78 3.21
C VAL B 415 18.90 37.57 2.73
N LYS B 416 19.88 37.54 3.62
CA LYS B 416 21.19 38.14 3.36
C LYS B 416 22.20 37.09 3.76
N VAL B 417 23.20 36.88 2.91
CA VAL B 417 24.16 35.83 3.15
C VAL B 417 25.52 36.47 3.34
N ARG B 418 26.38 35.72 4.00
CA ARG B 418 27.77 36.06 4.17
C ARG B 418 28.59 34.92 3.58
N LEU B 419 29.55 35.30 2.73
CA LEU B 419 30.39 34.33 2.07
C LEU B 419 31.55 33.98 2.99
N PRO B 420 32.17 32.79 2.81
CA PRO B 420 33.27 32.42 3.69
C PRO B 420 34.43 33.39 3.52
CHA HEM C . -0.32 -22.90 7.06
CHB HEM C . -2.62 -21.92 2.99
CHC HEM C . -6.32 -20.04 5.52
CHD HEM C . -3.46 -20.15 9.40
C1A HEM C . -0.69 -22.87 5.76
C2A HEM C . 0.13 -23.44 4.73
C3A HEM C . -0.53 -23.18 3.58
C4A HEM C . -1.69 -22.39 3.91
CMA HEM C . -0.10 -23.58 2.18
CAA HEM C . 1.36 -24.31 4.94
CBA HEM C . 2.64 -23.58 5.25
CGA HEM C . 3.84 -24.41 5.01
O1A HEM C . 4.96 -23.88 5.21
O2A HEM C . 3.78 -25.61 4.65
C1B HEM C . -3.82 -21.31 3.33
C2B HEM C . -4.83 -21.02 2.35
C3B HEM C . -5.88 -20.54 3.09
C4B HEM C . -5.49 -20.53 4.51
CMB HEM C . -4.82 -21.23 0.86
CAB HEM C . -7.22 -20.02 2.77
CBB HEM C . -7.82 -20.20 1.69
C1C HEM C . -5.90 -19.85 6.83
C2C HEM C . -6.64 -19.35 7.91
C3C HEM C . -5.78 -19.39 9.00
C4C HEM C . -4.55 -19.96 8.58
CMC HEM C . -8.07 -18.84 7.89
CAC HEM C . -6.03 -18.99 10.40
CBC HEM C . -7.26 -18.82 10.89
C1D HEM C . -2.36 -20.91 9.04
C2D HEM C . -1.30 -21.17 10.02
C3D HEM C . -0.38 -21.93 9.35
C4D HEM C . -0.97 -22.15 8.00
CMD HEM C . -1.19 -20.56 11.41
CAD HEM C . 0.92 -22.49 9.87
CBD HEM C . 0.67 -23.86 10.53
CGD HEM C . 1.97 -24.57 10.90
O1D HEM C . 1.90 -25.66 11.59
O2D HEM C . 3.07 -24.05 10.54
NA HEM C . -1.80 -22.24 5.23
NB HEM C . -4.29 -21.00 4.52
NC HEM C . -4.66 -20.24 7.27
ND HEM C . -2.13 -21.53 7.87
FE HEM C . -3.29 -21.42 6.30
HHB HEM C . -2.46 -22.10 2.05
HHC HEM C . -7.23 -19.75 5.30
HHD HEM C . -3.47 -19.82 10.31
HMA HEM C . -0.61 -24.36 1.87
HMAA HEM C . 0.87 -23.80 2.17
HMAB HEM C . -0.25 -22.82 1.56
HAA HEM C . 1.49 -24.83 4.10
HAAA HEM C . 1.17 -24.94 5.67
HBA HEM C . 2.62 -23.32 6.20
HBAA HEM C . 2.70 -22.76 4.70
HMB HEM C . -3.93 -21.52 0.55
HMBA HEM C . -5.05 -20.38 0.41
HMBB HEM C . -5.49 -21.92 0.62
HAB HEM C . -7.76 -19.64 3.49
HBB HEM C . -7.38 -20.61 0.93
HBBA HEM C . -8.73 -19.83 1.58
HMC HEM C . -8.42 -18.85 6.97
HMCA HEM C . -8.11 -17.92 8.25
HMCB HEM C . -8.64 -19.44 8.44
HAC HEM C . -5.31 -19.03 11.05
HBC HEM C . -8.05 -18.82 10.32
HBCA HEM C . -7.36 -18.60 11.84
HMD HEM C . -2.02 -20.07 11.65
HMDA HEM C . -0.42 -19.94 11.43
HMDB HEM C . -1.04 -21.29 12.07
HAD HEM C . 1.29 -21.87 10.55
HADA HEM C . 1.56 -22.58 9.13
HBD HEM C . 0.18 -24.44 9.89
HBDA HEM C . 0.13 -23.74 11.34
HHA HEM C . 0.51 -23.38 7.27
O2 EGM D . 2.45 -15.82 10.51
C7 EGM D . 2.23 -17.04 10.39
O1 EGM D . 2.34 -17.90 11.36
C5 EGM D . 1.83 -17.55 9.00
C6 EGM D . 1.45 -18.88 8.83
C1 EGM D . 1.08 -19.35 7.57
C2 EGM D . 1.13 -18.52 6.46
C8 EGM D . 0.68 -19.05 5.11
C9 EGM D . -0.86 -19.12 5.06
C3 EGM D . 1.48 -17.18 6.65
C4 EGM D . 1.83 -16.69 7.90
H2 EGM D . 1.45 -19.46 9.57
H3 EGM D . 0.84 -20.25 7.47
H4 EGM D . 1.01 -18.47 4.40
H5 EGM D . 1.05 -19.95 4.97
H6 EGM D . -1.14 -19.38 4.17
H7 EGM D . -1.23 -18.25 5.28
H8 EGM D . -1.17 -19.77 5.70
H9 EGM D . 1.48 -16.60 5.91
H10 EGM D . 2.09 -15.80 8.00
C1 GOL E . 3.74 -4.40 0.59
O1 GOL E . 4.85 -5.29 0.78
C2 GOL E . 2.37 -5.07 0.69
O2 GOL E . 1.68 -4.56 1.86
C3 GOL E . 1.54 -4.85 -0.56
O3 GOL E . 0.21 -5.38 -0.51
H11 GOL E . 3.82 -3.98 -0.28
H12 GOL E . 3.80 -3.69 1.28
HO1 GOL E . 5.59 -4.84 0.73
H2 GOL E . 2.51 -6.04 0.81
HO2 GOL E . 1.59 -3.75 1.78
H31 GOL E . 2.01 -5.26 -1.32
H32 GOL E . 1.48 -3.88 -0.73
HO3 GOL E . -0.09 -5.13 -1.25
C1 GOL F . -6.36 -32.19 3.00
O1 GOL F . -5.18 -32.95 3.17
C2 GOL F . -6.21 -31.14 1.92
O2 GOL F . -5.70 -31.71 0.73
C3 GOL F . -7.52 -30.47 1.58
O3 GOL F . -8.37 -31.35 0.87
H11 GOL F . -6.59 -31.74 3.86
H12 GOL F . -7.11 -32.79 2.77
HO1 GOL F . -5.31 -33.53 3.77
H2 GOL F . -5.57 -30.45 2.25
HO2 GOL F . -6.28 -32.28 0.45
H31 GOL F . -7.34 -29.66 1.04
H32 GOL F . -7.96 -30.19 2.41
HO3 GOL F . -9.09 -30.76 0.79
C1 GOL G . -10.39 -31.59 17.26
O1 GOL G . -10.59 -32.40 16.09
C2 GOL G . -11.05 -30.24 17.10
O2 GOL G . -12.34 -30.41 16.52
C3 GOL G . -11.21 -29.45 18.38
O3 GOL G . -11.87 -28.20 18.13
H11 GOL G . -9.42 -31.47 17.40
H12 GOL G . -10.77 -32.05 18.04
HO1 GOL G . -10.10 -33.10 16.26
H2 GOL G . -10.50 -29.70 16.48
HO2 GOL G . -12.75 -30.89 17.06
H31 GOL G . -10.33 -29.29 18.79
H32 GOL G . -11.76 -29.98 19.01
HO3 GOL G . -11.94 -27.81 18.97
C1 GOL H . -3.80 -40.77 -18.62
O1 GOL H . -3.29 -40.65 -17.30
C2 GOL H . -4.80 -39.67 -18.92
O2 GOL H . -6.14 -40.13 -18.78
C3 GOL H . -4.63 -38.46 -18.04
O3 GOL H . -5.59 -37.49 -18.40
H11 GOL H . -4.25 -41.65 -18.72
H12 GOL H . -3.06 -40.72 -19.27
HO1 GOL H . -2.85 -41.21 -17.02
H2 GOL H . -4.67 -39.39 -19.86
HO2 GOL H . -6.20 -40.44 -17.86
H31 GOL H . -3.72 -38.10 -18.15
H32 GOL H . -4.77 -38.73 -17.10
HO3 GOL H . -5.66 -36.75 -17.93
C1 GOL I . 10.44 -27.22 23.26
O1 GOL I . 9.25 -27.70 23.87
C2 GOL I . 10.89 -25.90 23.84
O2 GOL I . 12.13 -26.02 24.54
C3 GOL I . 11.03 -24.81 22.80
O3 GOL I . 11.38 -23.57 23.40
H11 GOL I . 10.29 -27.13 22.28
H12 GOL I . 11.16 -27.90 23.39
HO1 GOL I . 8.98 -28.46 23.55
H2 GOL I . 10.20 -25.62 24.49
HO2 GOL I . 12.68 -26.37 24.02
H31 GOL I . 10.18 -24.72 22.31
H32 GOL I . 11.73 -25.07 22.17
HO3 GOL I . 11.46 -23.05 22.79
CHA HEM J . 1.22 12.33 -4.24
CHB HEM J . 3.26 15.44 -1.23
CHC HEM J . 6.72 16.22 -4.58
CHD HEM J . 4.11 13.82 -7.84
C1A HEM J . 1.55 13.00 -3.12
C2A HEM J . 0.79 12.89 -1.89
C3A HEM J . 1.36 13.80 -1.04
C4A HEM J . 2.41 14.46 -1.76
CMA HEM J . 0.93 14.08 0.38
CAA HEM J . -0.35 11.94 -1.55
CBA HEM J . -1.71 12.24 -2.20
CGA HEM J . -2.82 11.44 -1.54
O1A HEM J . -2.63 10.62 -0.57
O2A HEM J . -3.99 11.57 -1.97
C1B HEM J . 4.40 15.90 -1.89
C2B HEM J . 5.29 16.81 -1.27
C3B HEM J . 6.27 17.03 -2.18
C4B HEM J . 5.96 16.25 -3.40
CMB HEM J . 5.17 17.37 0.13
CAB HEM J . 7.48 17.89 -2.07
CBB HEM J . 7.76 18.50 -0.97
C1C HEM J . 6.35 15.64 -5.79
C2C HEM J . 7.13 15.59 -6.97
C3C HEM J . 6.37 14.88 -7.87
C4C HEM J . 5.11 14.57 -7.26
CMC HEM J . 8.52 16.16 -7.17
CAC HEM J . 6.66 14.54 -9.24
CBC HEM J . 7.84 14.62 -9.79
C1D HEM J . 3.11 13.23 -7.05
C2D HEM J . 2.09 12.37 -7.72
C3D HEM J . 1.24 11.99 -6.72
C4D HEM J . 1.80 12.57 -5.48
CMD HEM J . 1.92 12.11 -9.17
CAD HEM J . 0.04 11.08 -6.88
CBD HEM J . 0.52 9.61 -6.72
CGD HEM J . -0.62 8.61 -6.80
O1D HEM J . -1.81 8.95 -6.76
O2D HEM J . -0.41 7.38 -6.80
NA HEM J . 2.54 13.97 -3.03
NB HEM J . 4.85 15.61 -3.13
NC HEM J . 5.18 14.98 -5.98
ND HEM J . 2.91 13.30 -5.73
FE HEM J . 3.97 14.25 -4.45
HHB HEM J . 3.10 15.74 -0.32
HHC HEM J . 7.58 16.69 -4.56
HHD HEM J . 4.11 13.62 -8.79
HMA HEM J . 1.58 13.68 1.02
HMAA HEM J . 0.03 13.71 0.55
HMAB HEM J . 0.90 15.05 0.52
HAA HEM J . -0.47 11.93 -0.57
HAAA HEM J . -0.08 11.03 -1.83
HBA HEM J . -1.67 12.00 -3.17
HBAA HEM J . -1.91 13.21 -2.12
HMB HEM J . 4.33 17.05 0.56
HMBA HEM J . 5.14 18.36 0.10
HMBB HEM J . 5.94 17.08 0.68
HAB HEM J . 8.09 17.96 -2.83
HBB HEM J . 7.19 18.45 -0.19
HBBA HEM J . 8.56 19.05 -0.94
HMC HEM J . 8.80 16.65 -6.36
HMCA HEM J . 8.51 16.77 -7.95
HMCB HEM J . 9.15 15.41 -7.33
HAC HEM J . 5.97 14.09 -9.77
HBC HEM J . 8.59 15.02 -9.32
HBCA HEM J . 7.95 14.34 -10.72
HMD HEM J . 2.66 12.50 -9.69
HMDA HEM J . 1.06 12.52 -9.47
HMDB HEM J . 1.89 11.13 -9.33
HAD HEM J . -0.36 11.20 -7.77
HADA HEM J . -0.64 11.29 -6.18
HBD HEM J . 0.95 9.51 -5.83
HBDA HEM J . 1.18 9.40 -7.43
HHA HEM J . 0.47 11.71 -4.15
O2 EGM K . -2.49 16.15 -10.79
C7 EGM K . -2.01 15.24 -10.10
O1 EGM K . -1.77 14.08 -10.52
C5 EGM K . -1.63 15.55 -8.66
C6 EGM K . -1.83 16.81 -8.12
C1 EGM K . -1.46 17.08 -6.81
C2 EGM K . -0.94 16.09 -5.99
C8 EGM K . -0.51 16.37 -4.56
C9 EGM K . 0.99 16.54 -4.60
C3 EGM K . -0.76 14.84 -6.53
C4 EGM K . -1.07 14.56 -7.85
H2 EGM K . -2.18 17.49 -8.64
H3 EGM K . -1.60 17.95 -6.46
H4 EGM K . -0.93 17.19 -4.23
H5 EGM K . -0.75 15.63 -3.98
H6 EGM K . 1.30 16.86 -3.75
H7 EGM K . 1.23 17.17 -5.30
H8 EGM K . 1.40 15.68 -4.81
H9 EGM K . -0.38 14.16 -6.00
H10 EGM K . -0.96 13.69 -8.19
#